data_2ODE
#
_entry.id   2ODE
#
_cell.length_a   112.837
_cell.length_b   130.216
_cell.length_c   68.519
_cell.angle_alpha   90.00
_cell.angle_beta   90.00
_cell.angle_gamma   90.00
#
_symmetry.space_group_name_H-M   'P 21 21 2'
#
loop_
_entity.id
_entity.type
_entity.pdbx_description
1 polymer 'Guanine nucleotide-binding protein G(k) subunit alpha'
2 polymer 'Regulator of G-protein signaling 8'
3 non-polymer 'TETRAFLUOROALUMINATE ION'
4 non-polymer 'MAGNESIUM ION'
5 non-polymer "GUANOSINE-5'-DIPHOSPHATE"
6 water water
#
loop_
_entity_poly.entity_id
_entity_poly.type
_entity_poly.pdbx_seq_one_letter_code
_entity_poly.pdbx_strand_id
1 'polypeptide(L)'
;SMTLSAEDKAAVERSKMIDRNLREDGEKAAKEVKLLLLGAGESGKSTIVKQMKIIHEDGYSEDECKQYKVVVYSNTIQSI
IAIIRAMGRLKIDFGEAARADDARQLFVLAGSAEEGVMTPELAGVIKRLWRDGGVQACFSRSREYQLNDSASYYLNDLDR
ISQSNYIPTQQDVLRTRVKTTGIVETHFTFKDLYFKMFDVGGQRSERKKWIHCFEGVTAIIFCVALSDYDLVLAEDEEMN
RMHESMKLFDSICNNKWFTETSIILFLNKKDLFEEKIKRSPLTICYPEYTGSNTYEEAAAYIQCQFEDLNRRKDTKEIYT
HFTCATDTKNVQFVFDAVTDVIIKNNLKES
;
A,C
2 'polypeptide(L)'
;SMLKRLSTEEATRWADSFDVLLSHKYGVAAFRAFLKTEFSEENLEFWLACEEFKKTRSTAKLVSKAHRIFEEFVDVQAPR
EVNIDFQTREATRKNLQEPSLTCFDQAQGKVHSLMEKDSYPRFLRSKMYLDLLSQSQRRLS
;
B,D
#
loop_
_chem_comp.id
_chem_comp.type
_chem_comp.name
_chem_comp.formula
ALF non-polymer 'TETRAFLUOROALUMINATE ION' 'Al F4 -1'
GDP RNA linking GUANOSINE-5'-DIPHOSPHATE 'C10 H15 N5 O11 P2'
MG non-polymer 'MAGNESIUM ION' 'Mg 2'
#
# COMPACT_ATOMS: atom_id res chain seq x y z
N GLU A 32 15.06 25.45 -27.00
CA GLU A 32 14.06 24.55 -26.32
C GLU A 32 14.44 24.28 -24.86
N VAL A 33 13.45 24.34 -23.98
CA VAL A 33 13.63 24.01 -22.57
C VAL A 33 12.51 23.05 -22.19
N LYS A 34 12.89 21.84 -21.75
CA LYS A 34 11.92 20.88 -21.23
C LYS A 34 11.83 21.07 -19.72
N LEU A 35 10.65 21.44 -19.26
CA LEU A 35 10.41 21.81 -17.88
C LEU A 35 9.35 20.90 -17.24
N LEU A 36 9.71 20.26 -16.14
CA LEU A 36 8.85 19.38 -15.40
C LEU A 36 8.37 20.11 -14.14
N LEU A 37 7.05 20.12 -13.94
CA LEU A 37 6.47 20.51 -12.65
C LEU A 37 6.16 19.26 -11.82
N LEU A 38 6.95 19.08 -10.77
CA LEU A 38 6.85 17.91 -9.90
C LEU A 38 6.55 18.34 -8.46
N GLY A 39 6.21 17.35 -7.65
CA GLY A 39 5.80 17.55 -6.29
C GLY A 39 4.62 16.67 -5.90
N ALA A 40 4.39 16.56 -4.60
CA ALA A 40 3.31 15.75 -4.07
C ALA A 40 1.96 16.40 -4.34
N GLY A 41 0.91 15.62 -4.14
CA GLY A 41 -0.45 16.12 -4.33
C GLY A 41 -0.77 17.42 -3.62
N GLU A 42 -1.43 18.33 -4.35
CA GLU A 42 -1.88 19.63 -3.83
C GLU A 42 -0.76 20.62 -3.52
N SER A 43 0.43 20.39 -4.06
CA SER A 43 1.55 21.26 -3.68
C SER A 43 1.52 22.62 -4.42
N GLY A 44 0.74 22.71 -5.48
CA GLY A 44 0.65 23.94 -6.27
C GLY A 44 1.10 23.87 -7.72
N LYS A 45 1.34 22.66 -8.25
CA LYS A 45 1.89 22.52 -9.60
C LYS A 45 1.02 23.13 -10.71
N SER A 46 -0.25 22.74 -10.72
CA SER A 46 -1.17 23.19 -11.75
C SER A 46 -1.47 24.66 -11.61
N THR A 47 -1.33 25.19 -10.41
CA THR A 47 -1.52 26.64 -10.18
C THR A 47 -0.37 27.46 -10.81
N ILE A 48 0.85 26.93 -10.71
CA ILE A 48 1.98 27.49 -11.43
C ILE A 48 1.69 27.43 -12.93
N VAL A 49 1.10 26.30 -13.39
CA VAL A 49 0.74 26.16 -14.82
C VAL A 49 -0.28 27.25 -15.22
N LYS A 50 -1.31 27.50 -14.38
CA LYS A 50 -2.29 28.58 -14.66
C LYS A 50 -1.58 29.94 -14.80
N GLN A 51 -0.58 30.16 -13.95
CA GLN A 51 0.17 31.41 -14.00
C GLN A 51 0.99 31.59 -15.30
N MET A 52 1.49 30.51 -15.87
CA MET A 52 2.23 30.58 -17.13
C MET A 52 1.28 31.00 -18.26
N LYS A 53 0.04 30.50 -18.23
CA LYS A 53 -1.02 30.94 -19.18
C LYS A 53 -1.35 32.43 -19.02
N ILE A 54 -1.43 32.89 -17.78
CA ILE A 54 -1.72 34.28 -17.43
C ILE A 54 -0.58 35.25 -17.85
N ILE A 55 0.65 34.82 -17.56
CA ILE A 55 1.83 35.65 -17.78
C ILE A 55 2.41 35.49 -19.19
N HIS A 56 2.47 34.24 -19.68
CA HIS A 56 3.27 33.89 -20.87
C HIS A 56 2.52 33.28 -22.06
N GLU A 57 1.28 32.91 -21.85
CA GLU A 57 0.47 32.39 -22.95
C GLU A 57 -0.65 33.42 -23.09
N ASP A 58 -1.88 32.96 -23.31
CA ASP A 58 -2.97 33.86 -23.71
C ASP A 58 -3.84 34.49 -22.59
N GLY A 59 -3.69 34.04 -21.34
CA GLY A 59 -4.54 34.51 -20.19
C GLY A 59 -5.93 33.83 -20.07
N TYR A 60 -6.75 34.22 -19.09
CA TYR A 60 -8.14 33.68 -18.94
C TYR A 60 -9.21 34.69 -19.43
N SER A 61 -9.80 34.43 -20.60
CA SER A 61 -10.92 35.20 -21.08
C SER A 61 -12.09 35.05 -20.13
N GLU A 62 -13.07 35.93 -20.29
CA GLU A 62 -14.28 35.84 -19.50
C GLU A 62 -15.00 34.49 -19.74
N ASP A 63 -15.07 34.06 -21.01
CA ASP A 63 -15.68 32.76 -21.33
C ASP A 63 -14.97 31.59 -20.65
N GLU A 64 -13.63 31.63 -20.61
CA GLU A 64 -12.84 30.65 -19.87
C GLU A 64 -13.10 30.72 -18.38
N CYS A 65 -13.21 31.92 -17.84
CA CYS A 65 -13.62 32.07 -16.43
C CYS A 65 -14.98 31.40 -16.15
N LYS A 66 -15.95 31.60 -17.05
CA LYS A 66 -17.30 31.07 -16.87
C LYS A 66 -17.29 29.54 -16.80
N GLN A 67 -16.38 28.92 -17.55
CA GLN A 67 -16.17 27.46 -17.50
C GLN A 67 -15.76 26.93 -16.11
N TYR A 68 -15.18 27.77 -15.27
CA TYR A 68 -14.81 27.38 -13.91
C TYR A 68 -15.92 27.59 -12.86
N LYS A 69 -17.06 28.15 -13.25
CA LYS A 69 -18.13 28.37 -12.28
C LYS A 69 -18.57 27.07 -11.58
N VAL A 70 -18.84 26.02 -12.34
CA VAL A 70 -19.28 24.76 -11.74
C VAL A 70 -18.18 24.19 -10.80
N VAL A 71 -16.91 24.47 -11.12
CA VAL A 71 -15.80 24.03 -10.23
C VAL A 71 -15.78 24.82 -8.91
N VAL A 72 -15.96 26.14 -9.01
CA VAL A 72 -16.05 26.98 -7.81
C VAL A 72 -17.17 26.46 -6.89
N TYR A 73 -18.32 26.20 -7.49
CA TYR A 73 -19.49 25.71 -6.75
C TYR A 73 -19.21 24.35 -6.11
N SER A 74 -18.65 23.43 -6.89
CA SER A 74 -18.35 22.12 -6.38
C SER A 74 -17.34 22.18 -5.25
N ASN A 75 -16.26 22.96 -5.40
CA ASN A 75 -15.25 23.14 -4.36
C ASN A 75 -15.89 23.70 -3.07
N THR A 76 -16.77 24.70 -3.22
CA THR A 76 -17.49 25.29 -2.07
C THR A 76 -18.37 24.25 -1.35
N ILE A 77 -19.19 23.55 -2.13
CA ILE A 77 -20.16 22.57 -1.60
C ILE A 77 -19.43 21.40 -0.97
N GLN A 78 -18.44 20.87 -1.66
CA GLN A 78 -17.65 19.76 -1.12
C GLN A 78 -16.88 20.13 0.15
N SER A 79 -16.41 21.37 0.24
CA SER A 79 -15.69 21.85 1.43
C SER A 79 -16.60 21.93 2.66
N ILE A 80 -17.81 22.49 2.52
CA ILE A 80 -18.68 22.60 3.69
C ILE A 80 -19.16 21.21 4.08
N ILE A 81 -19.42 20.33 3.09
CA ILE A 81 -19.76 18.94 3.39
C ILE A 81 -18.65 18.24 4.21
N ALA A 82 -17.40 18.42 3.79
CA ALA A 82 -16.24 17.83 4.47
C ALA A 82 -16.16 18.26 5.94
N ILE A 83 -16.40 19.54 6.18
CA ILE A 83 -16.37 20.07 7.57
C ILE A 83 -17.51 19.43 8.36
N ILE A 84 -18.71 19.41 7.78
CA ILE A 84 -19.85 18.83 8.52
C ILE A 84 -19.60 17.37 8.84
N ARG A 85 -19.14 16.61 7.84
CA ARG A 85 -18.86 15.19 8.03
C ARG A 85 -17.86 14.94 9.15
N ALA A 86 -16.81 15.77 9.21
CA ALA A 86 -15.76 15.64 10.21
C ALA A 86 -16.23 15.84 11.65
N MET A 87 -17.32 16.58 11.83
CA MET A 87 -17.85 16.89 13.14
C MET A 87 -18.23 15.62 13.94
N GLY A 88 -18.62 14.56 13.25
CA GLY A 88 -18.77 13.24 13.86
C GLY A 88 -17.44 12.66 14.34
N ARG A 89 -16.46 12.54 13.45
CA ARG A 89 -15.16 12.00 13.85
C ARG A 89 -14.60 12.81 15.05
N LEU A 90 -14.84 14.11 15.03
CA LEU A 90 -14.22 15.03 15.99
C LEU A 90 -15.03 15.27 17.27
N LYS A 91 -16.25 14.73 17.33
CA LYS A 91 -17.12 14.88 18.50
C LYS A 91 -17.44 16.36 18.74
N ILE A 92 -17.88 17.05 17.67
CA ILE A 92 -18.24 18.47 17.72
C ILE A 92 -19.72 18.66 17.37
N ASP A 93 -20.46 19.34 18.23
CA ASP A 93 -21.88 19.64 18.01
C ASP A 93 -22.07 20.98 17.34
N PHE A 94 -23.21 21.14 16.67
CA PHE A 94 -23.58 22.44 16.10
C PHE A 94 -23.76 23.44 17.22
N GLY A 95 -23.40 24.70 16.95
CA GLY A 95 -23.65 25.81 17.86
C GLY A 95 -25.13 25.95 18.13
N GLU A 96 -25.94 25.67 17.10
CA GLU A 96 -27.37 25.69 17.24
C GLU A 96 -28.00 24.46 16.60
N ALA A 97 -28.97 23.88 17.32
CA ALA A 97 -29.69 22.66 16.91
C ALA A 97 -30.33 22.77 15.52
N ALA A 98 -30.83 23.97 15.19
CA ALA A 98 -31.46 24.24 13.90
C ALA A 98 -30.57 23.94 12.69
N ARG A 99 -29.26 23.90 12.89
CA ARG A 99 -28.34 23.59 11.81
C ARG A 99 -28.40 22.12 11.36
N ALA A 100 -28.92 21.25 12.22
CA ALA A 100 -29.05 19.83 11.87
C ALA A 100 -29.86 19.62 10.60
N ASP A 101 -30.99 20.34 10.51
CA ASP A 101 -31.81 20.26 9.30
C ASP A 101 -31.15 20.94 8.10
N ASP A 102 -30.40 22.02 8.32
CA ASP A 102 -29.59 22.61 7.24
C ASP A 102 -28.58 21.61 6.66
N ALA A 103 -27.90 20.86 7.54
CA ALA A 103 -26.98 19.80 7.13
C ALA A 103 -27.66 18.71 6.28
N ARG A 104 -28.83 18.25 6.70
CA ARG A 104 -29.61 17.28 5.90
C ARG A 104 -29.96 17.86 4.52
N GLN A 105 -30.44 19.11 4.54
CA GLN A 105 -30.76 19.84 3.31
C GLN A 105 -29.53 19.94 2.39
N LEU A 106 -28.38 20.26 2.96
CA LEU A 106 -27.10 20.37 2.19
C LEU A 106 -26.76 19.09 1.45
N PHE A 107 -26.87 17.96 2.14
CA PHE A 107 -26.58 16.68 1.52
C PHE A 107 -27.53 16.36 0.37
N VAL A 108 -28.82 16.63 0.56
CA VAL A 108 -29.80 16.40 -0.51
C VAL A 108 -29.52 17.39 -1.66
N LEU A 109 -29.31 18.66 -1.34
CA LEU A 109 -29.09 19.65 -2.38
C LEU A 109 -27.75 19.53 -3.10
N ALA A 110 -26.76 18.83 -2.53
CA ALA A 110 -25.37 18.86 -3.05
C ALA A 110 -25.21 18.76 -4.60
N GLY A 111 -26.12 18.01 -5.23
CA GLY A 111 -26.20 17.91 -6.72
C GLY A 111 -26.86 19.05 -7.49
N SER A 112 -27.65 19.87 -6.78
CA SER A 112 -28.40 21.01 -7.35
C SER A 112 -27.53 22.01 -8.16
N ALA A 113 -26.23 22.11 -7.86
CA ALA A 113 -25.37 23.08 -8.52
C ALA A 113 -24.35 22.46 -9.49
N GLU A 114 -24.66 21.25 -10.02
CA GLU A 114 -23.72 20.56 -10.95
C GLU A 114 -23.88 21.15 -12.35
N GLU A 115 -25.03 21.76 -12.62
CA GLU A 115 -25.27 22.56 -13.84
C GLU A 115 -24.80 24.02 -13.70
N GLY A 116 -24.13 24.35 -12.59
CA GLY A 116 -23.62 25.70 -12.36
C GLY A 116 -24.62 26.75 -11.86
N VAL A 117 -25.71 26.31 -11.23
CA VAL A 117 -26.62 27.23 -10.54
C VAL A 117 -26.68 26.91 -9.02
N MET A 118 -26.19 27.84 -8.21
CA MET A 118 -26.36 27.73 -6.78
C MET A 118 -27.66 28.41 -6.41
N THR A 119 -28.62 27.60 -6.00
CA THR A 119 -29.93 28.12 -5.68
C THR A 119 -29.80 29.05 -4.47
N PRO A 120 -30.67 30.05 -4.39
CA PRO A 120 -30.75 30.81 -3.15
C PRO A 120 -30.92 29.93 -1.91
N GLU A 121 -31.64 28.81 -2.07
CA GLU A 121 -31.88 27.88 -0.97
C GLU A 121 -30.57 27.23 -0.49
N LEU A 122 -29.80 26.70 -1.45
CA LEU A 122 -28.49 26.12 -1.16
C LEU A 122 -27.55 27.15 -0.57
N ALA A 123 -27.52 28.32 -1.19
CA ALA A 123 -26.69 29.44 -0.75
C ALA A 123 -26.95 29.79 0.70
N GLY A 124 -28.22 29.79 1.11
CA GLY A 124 -28.61 30.14 2.47
C GLY A 124 -28.28 29.04 3.46
N VAL A 125 -28.49 27.79 3.04
CA VAL A 125 -28.09 26.65 3.83
C VAL A 125 -26.60 26.69 4.17
N ILE A 126 -25.79 26.98 3.15
CA ILE A 126 -24.34 26.98 3.30
C ILE A 126 -23.91 28.14 4.22
N LYS A 127 -24.52 29.30 4.02
CA LYS A 127 -24.25 30.49 4.80
C LYS A 127 -24.52 30.28 6.29
N ARG A 128 -25.69 29.73 6.63
CA ARG A 128 -26.00 29.43 8.03
C ARG A 128 -25.06 28.39 8.67
N LEU A 129 -24.69 27.34 7.91
CA LEU A 129 -23.76 26.34 8.41
C LEU A 129 -22.39 26.95 8.64
N TRP A 130 -21.87 27.70 7.67
CA TRP A 130 -20.53 28.31 7.77
C TRP A 130 -20.43 29.33 8.92
N ARG A 131 -21.55 29.96 9.27
CA ARG A 131 -21.56 30.93 10.37
C ARG A 131 -21.78 30.28 11.74
N ASP A 132 -22.08 28.98 11.77
CA ASP A 132 -22.34 28.28 13.04
C ASP A 132 -21.05 28.07 13.83
N GLY A 133 -21.13 28.17 15.15
CA GLY A 133 -19.93 28.12 15.99
C GLY A 133 -19.31 26.76 16.08
N GLY A 134 -20.13 25.72 16.10
CA GLY A 134 -19.66 24.33 15.98
C GLY A 134 -18.91 24.05 14.69
N VAL A 135 -19.54 24.41 13.58
CA VAL A 135 -18.91 24.34 12.25
C VAL A 135 -17.55 25.08 12.24
N GLN A 136 -17.51 26.27 12.86
CA GLN A 136 -16.26 27.04 12.86
C GLN A 136 -15.19 26.39 13.72
N ALA A 137 -15.61 25.77 14.83
CA ALA A 137 -14.71 25.00 15.71
C ALA A 137 -14.10 23.81 14.95
N CYS A 138 -14.92 23.13 14.16
CA CYS A 138 -14.46 22.08 13.27
C CYS A 138 -13.51 22.60 12.18
N PHE A 139 -13.87 23.71 11.54
CA PHE A 139 -13.02 24.34 10.56
C PHE A 139 -11.61 24.62 11.12
N SER A 140 -11.56 25.09 12.38
CA SER A 140 -10.32 25.42 13.04
C SER A 140 -9.42 24.22 13.22
N ARG A 141 -10.03 23.04 13.25
CA ARG A 141 -9.30 21.78 13.42
C ARG A 141 -9.16 20.95 12.14
N SER A 142 -9.18 21.64 11.00
CA SER A 142 -9.18 20.95 9.73
C SER A 142 -7.95 20.09 9.45
N ARG A 143 -6.84 20.30 10.17
CA ARG A 143 -5.69 19.38 10.02
C ARG A 143 -6.03 17.93 10.41
N GLU A 144 -7.10 17.74 11.20
CA GLU A 144 -7.53 16.42 11.64
C GLU A 144 -8.42 15.70 10.60
N TYR A 145 -8.64 16.33 9.45
CA TYR A 145 -9.36 15.68 8.35
C TYR A 145 -8.76 16.24 7.03
N GLN A 146 -9.49 16.13 5.91
CA GLN A 146 -9.00 16.59 4.60
C GLN A 146 -9.91 17.71 4.11
N LEU A 147 -9.36 18.91 4.02
CA LEU A 147 -10.09 20.10 3.58
C LEU A 147 -9.28 20.89 2.57
N ASN A 148 -9.93 21.21 1.45
CA ASN A 148 -9.32 22.08 0.43
C ASN A 148 -8.77 23.38 0.98
N ASP A 149 -7.58 23.76 0.53
CA ASP A 149 -7.03 25.03 0.96
C ASP A 149 -7.89 26.26 0.66
N SER A 150 -8.66 26.23 -0.43
CA SER A 150 -9.47 27.39 -0.84
C SER A 150 -10.86 27.40 -0.19
N ALA A 151 -11.14 26.45 0.72
CA ALA A 151 -12.47 26.38 1.37
C ALA A 151 -12.93 27.73 1.94
N SER A 152 -12.15 28.33 2.85
CA SER A 152 -12.57 29.57 3.51
C SER A 152 -12.58 30.75 2.52
N TYR A 153 -11.67 30.71 1.53
CA TYR A 153 -11.65 31.71 0.46
C TYR A 153 -13.02 31.84 -0.20
N TYR A 154 -13.61 30.72 -0.58
CA TYR A 154 -14.87 30.69 -1.23
C TYR A 154 -16.00 30.93 -0.24
N LEU A 155 -15.95 30.24 0.90
CA LEU A 155 -17.03 30.31 1.89
C LEU A 155 -17.20 31.73 2.46
N ASN A 156 -16.10 32.42 2.72
CA ASN A 156 -16.12 33.82 3.11
C ASN A 156 -16.63 34.76 2.02
N ASP A 157 -16.53 34.35 0.76
CA ASP A 157 -17.10 35.12 -0.36
C ASP A 157 -18.42 34.57 -0.93
N LEU A 158 -19.22 33.95 -0.07
CA LEU A 158 -20.40 33.24 -0.54
C LEU A 158 -21.46 34.16 -1.20
N ASP A 159 -21.68 35.32 -0.60
CA ASP A 159 -22.58 36.32 -1.16
C ASP A 159 -22.24 36.65 -2.61
N ARG A 160 -20.98 36.92 -2.89
CA ARG A 160 -20.54 37.27 -4.25
C ARG A 160 -20.72 36.10 -5.19
N ILE A 161 -20.21 34.93 -4.80
CA ILE A 161 -20.18 33.78 -5.73
C ILE A 161 -21.56 33.18 -5.92
N SER A 162 -22.49 33.45 -5.00
CA SER A 162 -23.83 32.89 -5.14
C SER A 162 -24.80 33.71 -5.99
N GLN A 163 -24.40 34.87 -6.48
CA GLN A 163 -25.32 35.73 -7.28
C GLN A 163 -25.61 35.00 -8.58
N SER A 164 -26.80 35.16 -9.14
CA SER A 164 -27.17 34.45 -10.38
C SER A 164 -26.23 34.84 -11.52
N ASN A 165 -25.76 36.08 -11.50
CA ASN A 165 -24.90 36.62 -12.57
C ASN A 165 -23.42 36.40 -12.36
N TYR A 166 -23.05 35.59 -11.37
CA TYR A 166 -21.65 35.39 -10.99
C TYR A 166 -20.78 34.90 -12.14
N ILE A 167 -19.67 35.60 -12.35
CA ILE A 167 -18.59 35.17 -13.26
C ILE A 167 -17.34 35.08 -12.41
N PRO A 168 -16.74 33.88 -12.33
CA PRO A 168 -15.47 33.78 -11.61
C PRO A 168 -14.40 34.79 -12.10
N THR A 169 -13.72 35.38 -11.12
CA THR A 169 -12.62 36.28 -11.38
C THR A 169 -11.41 35.41 -11.67
N GLN A 170 -10.36 36.06 -12.14
CA GLN A 170 -9.11 35.36 -12.38
C GLN A 170 -8.56 34.73 -11.09
N GLN A 171 -8.64 35.44 -9.96
CA GLN A 171 -8.21 34.87 -8.68
C GLN A 171 -9.10 33.68 -8.28
N ASP A 172 -10.42 33.78 -8.49
CA ASP A 172 -11.31 32.63 -8.24
C ASP A 172 -10.84 31.39 -9.02
N VAL A 173 -10.40 31.59 -10.26
CA VAL A 173 -9.91 30.49 -11.12
C VAL A 173 -8.64 29.89 -10.54
N LEU A 174 -7.67 30.76 -10.21
CA LEU A 174 -6.41 30.34 -9.57
C LEU A 174 -6.62 29.52 -8.30
N ARG A 175 -7.66 29.87 -7.55
CA ARG A 175 -8.03 29.20 -6.29
C ARG A 175 -8.74 27.86 -6.48
N THR A 176 -9.21 27.55 -7.66
CA THR A 176 -9.97 26.31 -7.85
C THR A 176 -9.08 25.08 -7.61
N ARG A 177 -9.73 24.01 -7.14
CA ARG A 177 -9.10 22.72 -6.97
C ARG A 177 -9.70 21.73 -7.95
N VAL A 178 -8.88 21.30 -8.89
CA VAL A 178 -9.15 20.18 -9.80
C VAL A 178 -7.92 19.25 -9.75
N LYS A 179 -8.12 18.02 -9.27
CA LYS A 179 -7.02 17.06 -9.12
C LYS A 179 -6.53 16.68 -10.50
N THR A 180 -5.21 16.71 -10.66
CA THR A 180 -4.61 16.29 -11.95
C THR A 180 -4.30 14.80 -11.94
N THR A 181 -4.67 14.15 -13.05
CA THR A 181 -4.29 12.77 -13.29
C THR A 181 -3.51 12.65 -14.63
N GLY A 182 -2.41 11.90 -14.59
CA GLY A 182 -1.62 11.68 -15.79
C GLY A 182 -0.50 12.68 -15.97
N ILE A 183 -0.14 12.93 -17.22
CA ILE A 183 0.93 13.86 -17.57
C ILE A 183 0.39 14.77 -18.66
N VAL A 184 0.45 16.08 -18.42
CA VAL A 184 -0.11 17.06 -19.35
C VAL A 184 0.99 18.00 -19.83
N GLU A 185 1.18 18.00 -21.15
CA GLU A 185 2.18 18.87 -21.80
C GLU A 185 1.54 20.12 -22.39
N THR A 186 2.13 21.27 -22.10
CA THR A 186 1.79 22.51 -22.79
C THR A 186 3.10 23.19 -23.25
N HIS A 187 2.97 24.27 -24.02
CA HIS A 187 4.14 25.01 -24.44
C HIS A 187 3.86 26.51 -24.38
N PHE A 188 4.93 27.29 -24.30
CA PHE A 188 4.89 28.77 -24.34
C PHE A 188 6.31 29.30 -24.56
N THR A 189 6.40 30.54 -24.98
CA THR A 189 7.71 31.14 -25.30
C THR A 189 8.02 32.24 -24.29
N PHE A 190 9.30 32.37 -23.94
CA PHE A 190 9.70 33.42 -23.01
C PHE A 190 11.18 33.66 -23.12
N LYS A 191 11.56 34.93 -23.29
CA LYS A 191 12.94 35.33 -23.50
C LYS A 191 13.55 34.54 -24.66
N ASP A 192 12.82 34.49 -25.77
CA ASP A 192 13.26 33.75 -26.96
C ASP A 192 13.57 32.26 -26.69
N LEU A 193 12.95 31.70 -25.66
CA LEU A 193 13.03 30.27 -25.37
C LEU A 193 11.67 29.62 -25.61
N TYR A 194 11.67 28.40 -26.12
CA TYR A 194 10.45 27.62 -26.33
C TYR A 194 10.33 26.62 -25.18
N PHE A 195 9.34 26.81 -24.32
CA PHE A 195 9.18 25.93 -23.14
C PHE A 195 8.26 24.77 -23.42
N LYS A 196 8.73 23.54 -23.19
CA LYS A 196 7.88 22.37 -23.25
C LYS A 196 7.65 21.95 -21.80
N MET A 197 6.46 22.29 -21.29
CA MET A 197 6.15 22.16 -19.88
C MET A 197 5.25 20.92 -19.59
N PHE A 198 5.64 20.16 -18.56
CA PHE A 198 4.95 18.91 -18.22
C PHE A 198 4.43 19.02 -16.80
N ASP A 199 3.12 18.89 -16.65
CA ASP A 199 2.43 18.96 -15.38
C ASP A 199 1.94 17.54 -15.13
N VAL A 200 2.09 17.07 -13.90
CA VAL A 200 1.82 15.67 -13.55
C VAL A 200 0.94 15.60 -12.31
N GLY A 201 0.33 14.44 -12.08
CA GLY A 201 -0.34 14.17 -10.80
C GLY A 201 0.65 13.85 -9.69
N GLY A 202 0.38 14.32 -8.48
CA GLY A 202 1.27 14.22 -7.36
C GLY A 202 1.03 13.10 -6.37
N GLN A 203 -0.17 12.50 -6.39
CA GLN A 203 -0.47 11.40 -5.45
C GLN A 203 0.43 10.20 -5.72
N ARG A 204 0.61 9.39 -4.69
CA ARG A 204 1.42 8.19 -4.77
C ARG A 204 1.07 7.36 -5.99
N SER A 205 -0.24 7.15 -6.26
CA SER A 205 -0.69 6.28 -7.37
C SER A 205 -0.17 6.78 -8.72
N GLU A 206 0.01 8.10 -8.84
CA GLU A 206 0.40 8.73 -10.08
C GLU A 206 1.91 8.60 -10.39
N ARG A 207 2.74 8.44 -9.36
CA ARG A 207 4.19 8.65 -9.49
C ARG A 207 4.92 7.60 -10.34
N LYS A 208 4.41 6.37 -10.46
CA LYS A 208 4.92 5.36 -11.38
C LYS A 208 4.87 5.83 -12.84
N LYS A 209 4.07 6.85 -13.14
CA LYS A 209 3.96 7.41 -14.51
C LYS A 209 5.03 8.44 -14.86
N TRP A 210 5.64 9.03 -13.86
CA TRP A 210 6.53 10.18 -14.03
C TRP A 210 7.72 9.86 -14.93
N ILE A 211 8.25 8.64 -14.81
CA ILE A 211 9.41 8.18 -15.61
C ILE A 211 9.23 8.45 -17.10
N HIS A 212 7.98 8.36 -17.59
CA HIS A 212 7.71 8.65 -18.99
C HIS A 212 8.26 10.00 -19.48
N CYS A 213 8.34 10.98 -18.58
CA CYS A 213 8.73 12.30 -19.00
C CYS A 213 10.16 12.68 -18.52
N PHE A 214 10.95 11.71 -18.06
CA PHE A 214 12.22 12.00 -17.38
C PHE A 214 13.41 12.20 -18.33
N GLU A 215 13.21 12.02 -19.64
CA GLU A 215 14.28 12.14 -20.62
C GLU A 215 14.57 13.57 -21.03
N GLY A 216 15.84 13.95 -20.94
CA GLY A 216 16.30 15.22 -21.50
C GLY A 216 15.68 16.42 -20.85
N VAL A 217 15.63 16.39 -19.51
CA VAL A 217 14.96 17.44 -18.74
C VAL A 217 15.94 18.56 -18.41
N THR A 218 15.61 19.74 -18.92
CA THR A 218 16.35 20.96 -18.73
C THR A 218 16.19 21.52 -17.32
N ALA A 219 14.96 21.50 -16.81
CA ALA A 219 14.66 22.08 -15.50
C ALA A 219 13.44 21.39 -14.85
N ILE A 220 13.48 21.27 -13.51
CA ILE A 220 12.37 20.81 -12.67
C ILE A 220 12.02 21.98 -11.73
N ILE A 221 10.75 22.34 -11.67
CA ILE A 221 10.24 23.13 -10.57
C ILE A 221 9.53 22.13 -9.64
N PHE A 222 10.12 21.93 -8.45
CA PHE A 222 9.59 20.99 -7.48
C PHE A 222 8.84 21.79 -6.45
N CYS A 223 7.53 21.57 -6.38
CA CYS A 223 6.66 22.36 -5.52
C CYS A 223 6.46 21.64 -4.19
N VAL A 224 6.52 22.42 -3.11
CA VAL A 224 6.33 21.97 -1.73
C VAL A 224 5.33 22.96 -1.10
N ALA A 225 4.22 22.44 -0.58
CA ALA A 225 3.28 23.23 0.19
C ALA A 225 3.86 23.46 1.60
N LEU A 226 4.35 24.66 1.85
CA LEU A 226 4.88 25.01 3.18
C LEU A 226 3.89 24.69 4.32
N SER A 227 2.60 24.90 4.00
CA SER A 227 1.49 24.76 4.95
C SER A 227 1.09 23.30 5.22
N ASP A 228 1.80 22.36 4.57
CA ASP A 228 1.62 20.91 4.75
C ASP A 228 2.16 20.35 6.02
N TYR A 229 2.99 21.15 6.75
CA TYR A 229 3.77 20.59 7.86
C TYR A 229 2.96 19.91 8.96
N ASP A 230 1.70 20.28 9.10
CA ASP A 230 0.84 19.69 10.12
C ASP A 230 -0.38 18.88 9.57
N LEU A 231 -0.30 18.53 8.28
CA LEU A 231 -1.33 17.77 7.59
C LEU A 231 -0.87 16.36 7.31
N VAL A 232 -1.84 15.49 7.07
CA VAL A 232 -1.59 14.16 6.58
C VAL A 232 -2.06 13.97 5.10
N LEU A 233 -1.45 13.00 4.44
CA LEU A 233 -1.80 12.64 3.05
C LEU A 233 -3.25 12.15 2.95
N ALA A 234 -3.95 12.67 1.95
CA ALA A 234 -5.28 12.15 1.61
C ALA A 234 -5.23 10.64 1.29
N GLU A 235 -4.13 10.18 0.70
CA GLU A 235 -3.97 8.78 0.31
C GLU A 235 -3.35 7.90 1.40
N ASP A 236 -2.95 8.50 2.51
CA ASP A 236 -2.39 7.77 3.66
C ASP A 236 -2.43 8.70 4.84
N GLU A 237 -3.45 8.52 5.66
CA GLU A 237 -3.74 9.51 6.70
C GLU A 237 -2.81 9.36 7.92
N GLU A 238 -1.90 8.38 7.87
CA GLU A 238 -0.86 8.21 8.88
C GLU A 238 0.53 8.61 8.38
N MET A 239 0.56 9.43 7.34
CA MET A 239 1.80 10.00 6.82
C MET A 239 1.73 11.51 6.81
N ASN A 240 2.64 12.15 7.55
CA ASN A 240 2.79 13.60 7.47
C ASN A 240 3.12 14.07 6.05
N ARG A 241 2.39 15.06 5.58
CA ARG A 241 2.48 15.51 4.16
C ARG A 241 3.87 16.10 3.83
N MET A 242 4.45 16.81 4.80
CA MET A 242 5.79 17.38 4.56
C MET A 242 6.89 16.30 4.59
N HIS A 243 6.77 15.33 5.48
CA HIS A 243 7.65 14.20 5.46
C HIS A 243 7.61 13.49 4.09
N GLU A 244 6.41 13.38 3.51
CA GLU A 244 6.21 12.73 2.24
C GLU A 244 6.93 13.55 1.20
N SER A 245 6.77 14.87 1.26
CA SER A 245 7.39 15.79 0.30
CA SER A 245 7.40 15.75 0.27
C SER A 245 8.92 15.72 0.38
N MET A 246 9.43 15.64 1.59
CA MET A 246 10.89 15.47 1.79
C MET A 246 11.43 14.18 1.14
N LYS A 247 10.76 13.06 1.37
CA LYS A 247 11.15 11.79 0.77
C LYS A 247 11.15 11.91 -0.76
N LEU A 248 10.08 12.50 -1.29
CA LEU A 248 9.96 12.68 -2.72
C LEU A 248 11.05 13.61 -3.31
N PHE A 249 11.32 14.71 -2.65
CA PHE A 249 12.40 15.60 -3.08
C PHE A 249 13.76 14.91 -3.01
N ASP A 250 13.97 14.13 -1.95
CA ASP A 250 15.19 13.34 -1.85
C ASP A 250 15.35 12.49 -3.12
N SER A 251 14.29 11.75 -3.42
CA SER A 251 14.26 10.91 -4.60
C SER A 251 14.55 11.68 -5.88
N ILE A 252 13.89 12.81 -6.11
CA ILE A 252 14.02 13.57 -7.35
C ILE A 252 15.38 14.26 -7.45
N CYS A 253 15.75 14.97 -6.40
CA CYS A 253 16.93 15.84 -6.42
C CYS A 253 18.19 15.04 -6.74
N ASN A 254 18.25 13.81 -6.22
CA ASN A 254 19.41 12.97 -6.34
C ASN A 254 19.32 11.90 -7.45
N ASN A 255 18.25 11.94 -8.24
CA ASN A 255 18.03 11.00 -9.34
C ASN A 255 19.05 11.26 -10.43
N LYS A 256 19.67 10.18 -10.90
CA LYS A 256 20.75 10.29 -11.88
C LYS A 256 20.22 10.87 -13.21
N TRP A 257 18.91 10.75 -13.45
CA TRP A 257 18.31 11.36 -14.62
C TRP A 257 18.52 12.87 -14.66
N PHE A 258 18.72 13.47 -13.48
CA PHE A 258 18.68 14.93 -13.33
C PHE A 258 20.02 15.56 -12.95
N THR A 259 21.11 14.84 -13.19
CA THR A 259 22.44 15.32 -12.85
C THR A 259 22.72 16.71 -13.42
N GLU A 260 22.31 16.91 -14.67
CA GLU A 260 22.55 18.16 -15.38
C GLU A 260 21.31 19.06 -15.44
N THR A 261 20.21 18.63 -14.83
CA THR A 261 18.97 19.37 -14.82
C THR A 261 19.05 20.46 -13.74
N SER A 262 18.62 21.67 -14.06
CA SER A 262 18.49 22.72 -13.03
C SER A 262 17.33 22.33 -12.09
N ILE A 263 17.63 22.16 -10.80
CA ILE A 263 16.63 21.83 -9.79
C ILE A 263 16.17 23.10 -9.05
N ILE A 264 14.92 23.49 -9.31
CA ILE A 264 14.29 24.65 -8.72
C ILE A 264 13.27 24.15 -7.68
N LEU A 265 13.37 24.72 -6.48
CA LEU A 265 12.49 24.37 -5.37
C LEU A 265 11.58 25.58 -5.07
N PHE A 266 10.27 25.39 -5.26
CA PHE A 266 9.25 26.37 -4.86
C PHE A 266 8.70 25.90 -3.53
N LEU A 267 9.11 26.60 -2.47
CA LEU A 267 8.50 26.49 -1.15
C LEU A 267 7.26 27.36 -1.19
N ASN A 268 6.17 26.71 -1.58
CA ASN A 268 4.92 27.34 -1.97
C ASN A 268 3.92 27.46 -0.81
N LYS A 269 2.80 28.12 -1.08
CA LYS A 269 1.76 28.44 -0.10
C LYS A 269 2.32 29.25 1.07
N LYS A 270 3.26 30.16 0.75
CA LYS A 270 3.86 31.03 1.74
C LYS A 270 2.79 31.85 2.50
N ASP A 271 1.71 32.21 1.83
CA ASP A 271 0.64 33.00 2.43
C ASP A 271 -0.11 32.22 3.48
N LEU A 272 -0.45 30.98 3.15
CA LEU A 272 -1.16 30.10 4.07
C LEU A 272 -0.27 29.73 5.27
N PHE A 273 1.01 29.53 4.99
CA PHE A 273 2.02 29.18 5.98
C PHE A 273 2.18 30.33 7.01
N GLU A 274 2.31 31.56 6.51
CA GLU A 274 2.39 32.75 7.36
C GLU A 274 1.26 32.80 8.39
N GLU A 275 0.04 32.49 7.94
CA GLU A 275 -1.14 32.49 8.83
C GLU A 275 -1.13 31.32 9.80
N LYS A 276 -0.83 30.13 9.29
CA LYS A 276 -0.88 28.90 10.08
C LYS A 276 0.19 28.82 11.13
N ILE A 277 1.39 29.34 10.83
CA ILE A 277 2.51 29.22 11.75
C ILE A 277 2.27 29.87 13.11
N LYS A 278 1.47 30.95 13.12
CA LYS A 278 1.02 31.63 14.35
C LYS A 278 0.06 30.79 15.22
N ARG A 279 -0.41 29.64 14.73
CA ARG A 279 -1.33 28.81 15.54
C ARG A 279 -1.06 27.30 15.59
N SER A 280 -0.11 26.82 14.79
CA SER A 280 0.20 25.41 14.77
C SER A 280 1.72 25.27 14.75
N PRO A 281 2.29 24.63 15.76
CA PRO A 281 3.74 24.66 15.93
C PRO A 281 4.47 23.77 14.93
N LEU A 282 5.65 24.21 14.50
CA LEU A 282 6.44 23.48 13.51
C LEU A 282 6.92 22.12 14.02
N THR A 283 7.03 22.02 15.36
CA THR A 283 7.44 20.77 16.02
C THR A 283 6.53 19.57 15.71
N ILE A 284 5.32 19.83 15.25
CA ILE A 284 4.44 18.76 14.74
C ILE A 284 5.17 17.97 13.65
N CYS A 285 5.85 18.70 12.78
CA CYS A 285 6.59 18.10 11.68
C CYS A 285 8.03 17.75 12.08
N TYR A 286 8.69 18.69 12.73
CA TYR A 286 10.09 18.56 13.12
C TYR A 286 10.22 18.67 14.65
N PRO A 287 10.15 17.51 15.35
CA PRO A 287 10.11 17.52 16.81
C PRO A 287 11.36 18.11 17.46
N GLU A 288 12.45 18.16 16.71
CA GLU A 288 13.73 18.72 17.14
C GLU A 288 13.85 20.25 17.00
N TYR A 289 12.89 20.88 16.35
CA TYR A 289 12.97 22.31 16.07
C TYR A 289 12.91 23.12 17.39
N THR A 290 13.89 23.98 17.60
CA THR A 290 13.91 24.86 18.77
C THR A 290 13.84 26.36 18.39
N GLY A 291 13.54 26.66 17.13
CA GLY A 291 13.37 28.05 16.71
C GLY A 291 11.96 28.56 17.03
N SER A 292 11.65 29.75 16.55
CA SER A 292 10.34 30.38 16.78
C SER A 292 9.32 29.90 15.79
N ASN A 293 8.07 29.92 16.23
CA ASN A 293 6.94 29.77 15.34
C ASN A 293 6.54 31.06 14.68
N THR A 294 7.49 31.60 13.90
CA THR A 294 7.29 32.81 13.13
C THR A 294 7.59 32.47 11.69
N TYR A 295 7.03 33.23 10.77
CA TYR A 295 7.18 32.96 9.33
C TYR A 295 8.67 32.86 8.94
N GLU A 296 9.46 33.88 9.27
CA GLU A 296 10.85 33.96 8.78
C GLU A 296 11.72 32.79 9.27
N GLU A 297 11.62 32.48 10.56
CA GLU A 297 12.44 31.42 11.17
C GLU A 297 12.00 30.03 10.77
N ALA A 298 10.70 29.80 10.82
CA ALA A 298 10.15 28.51 10.50
C ALA A 298 10.32 28.18 8.98
N ALA A 299 10.09 29.20 8.15
CA ALA A 299 10.28 29.04 6.71
C ALA A 299 11.74 28.68 6.38
N ALA A 300 12.67 29.40 7.04
CA ALA A 300 14.11 29.21 6.86
C ALA A 300 14.51 27.79 7.25
N TYR A 301 13.96 27.30 8.36
CA TYR A 301 14.25 25.94 8.82
C TYR A 301 13.78 24.88 7.82
N ILE A 302 12.57 25.03 7.27
CA ILE A 302 12.03 24.10 6.25
C ILE A 302 12.96 24.10 5.03
N GLN A 303 13.41 25.29 4.63
CA GLN A 303 14.31 25.40 3.47
C GLN A 303 15.55 24.58 3.72
N CYS A 304 16.12 24.74 4.92
CA CYS A 304 17.30 24.00 5.31
CA CYS A 304 17.31 24.02 5.32
C CYS A 304 17.11 22.50 5.27
N GLN A 305 15.96 22.03 5.77
CA GLN A 305 15.66 20.59 5.80
C GLN A 305 15.58 19.98 4.39
N PHE A 306 15.02 20.72 3.45
CA PHE A 306 14.91 20.25 2.08
C PHE A 306 16.24 20.32 1.39
N GLU A 307 17.00 21.40 1.61
CA GLU A 307 18.28 21.58 0.93
C GLU A 307 19.31 20.57 1.45
N ASP A 308 19.16 20.16 2.71
CA ASP A 308 20.04 19.12 3.26
C ASP A 308 19.90 17.76 2.58
N LEU A 309 18.77 17.52 1.93
CA LEU A 309 18.53 16.24 1.23
C LEU A 309 19.40 16.06 -0.03
N ASN A 310 20.01 17.14 -0.51
CA ASN A 310 20.95 17.10 -1.62
C ASN A 310 22.20 16.32 -1.16
N ARG A 311 22.42 15.14 -1.75
CA ARG A 311 23.62 14.33 -1.39
C ARG A 311 24.82 14.62 -2.30
N ARG A 312 24.69 15.64 -3.15
CA ARG A 312 25.83 16.11 -3.97
C ARG A 312 25.97 17.64 -3.93
N LYS A 313 25.99 18.16 -2.69
CA LYS A 313 26.12 19.61 -2.43
C LYS A 313 27.38 20.27 -3.01
N ASP A 314 28.47 19.51 -3.12
CA ASP A 314 29.72 20.03 -3.71
C ASP A 314 29.59 20.21 -5.22
N THR A 315 28.58 19.56 -5.80
CA THR A 315 28.42 19.37 -7.23
C THR A 315 27.18 20.05 -7.83
N LYS A 316 26.13 20.23 -7.03
CA LYS A 316 24.83 20.63 -7.56
C LYS A 316 24.11 21.66 -6.68
N GLU A 317 23.60 22.71 -7.31
CA GLU A 317 22.78 23.74 -6.65
C GLU A 317 21.31 23.36 -6.65
N ILE A 318 20.60 23.78 -5.59
CA ILE A 318 19.13 23.87 -5.57
C ILE A 318 18.79 25.35 -5.56
N TYR A 319 17.93 25.76 -6.49
CA TYR A 319 17.49 27.15 -6.62
C TYR A 319 16.13 27.37 -5.96
N THR A 320 16.19 27.84 -4.71
CA THR A 320 14.99 27.88 -3.88
C THR A 320 14.32 29.25 -3.89
N HIS A 321 12.98 29.24 -3.98
CA HIS A 321 12.19 30.45 -3.92
C HIS A 321 10.99 30.18 -3.04
N PHE A 322 10.66 31.18 -2.23
CA PHE A 322 9.40 31.14 -1.51
C PHE A 322 8.32 31.72 -2.41
N THR A 323 7.22 31.00 -2.56
CA THR A 323 6.21 31.38 -3.54
C THR A 323 4.80 31.38 -2.96
N CYS A 324 3.97 32.22 -3.56
CA CYS A 324 2.53 32.12 -3.46
C CYS A 324 2.04 31.92 -4.88
N ALA A 325 1.71 30.67 -5.23
CA ALA A 325 1.33 30.31 -6.61
C ALA A 325 0.08 31.02 -7.13
N THR A 326 -0.77 31.46 -6.21
CA THR A 326 -1.99 32.17 -6.57
C THR A 326 -1.73 33.68 -6.77
N ASP A 327 -0.51 34.14 -6.53
CA ASP A 327 -0.17 35.56 -6.64
C ASP A 327 0.58 35.72 -7.95
N THR A 328 -0.09 36.26 -8.96
CA THR A 328 0.53 36.47 -10.28
C THR A 328 1.85 37.28 -10.27
N LYS A 329 1.84 38.46 -9.65
CA LYS A 329 3.04 39.30 -9.53
C LYS A 329 4.24 38.51 -8.95
N ASN A 330 3.98 37.73 -7.91
CA ASN A 330 5.04 36.94 -7.28
C ASN A 330 5.61 35.84 -8.22
N VAL A 331 4.71 35.09 -8.85
CA VAL A 331 5.14 34.01 -9.73
C VAL A 331 5.87 34.58 -10.96
N GLN A 332 5.43 35.73 -11.46
CA GLN A 332 6.09 36.35 -12.61
C GLN A 332 7.53 36.71 -12.27
N PHE A 333 7.71 37.34 -11.11
CA PHE A 333 9.03 37.71 -10.63
C PHE A 333 9.92 36.48 -10.41
N VAL A 334 9.39 35.48 -9.73
CA VAL A 334 10.14 34.25 -9.46
C VAL A 334 10.48 33.48 -10.73
N PHE A 335 9.51 33.34 -11.63
CA PHE A 335 9.75 32.62 -12.89
C PHE A 335 10.75 33.33 -13.81
N ASP A 336 10.72 34.67 -13.80
CA ASP A 336 11.74 35.43 -14.50
C ASP A 336 13.15 35.07 -14.01
N ALA A 337 13.29 35.02 -12.69
CA ALA A 337 14.56 34.68 -12.03
C ALA A 337 14.98 33.26 -12.38
N VAL A 338 13.99 32.36 -12.39
CA VAL A 338 14.22 30.95 -12.72
C VAL A 338 14.73 30.79 -14.15
N THR A 339 14.13 31.54 -15.07
CA THR A 339 14.49 31.50 -16.49
C THR A 339 15.93 31.94 -16.68
N ASP A 340 16.32 32.99 -15.96
CA ASP A 340 17.70 33.49 -15.95
C ASP A 340 18.66 32.39 -15.50
N VAL A 341 18.29 31.65 -14.44
CA VAL A 341 19.13 30.54 -13.99
C VAL A 341 19.31 29.47 -15.09
N ILE A 342 18.21 29.12 -15.76
CA ILE A 342 18.22 28.13 -16.86
C ILE A 342 19.07 28.60 -18.04
N ILE A 343 18.89 29.85 -18.48
CA ILE A 343 19.74 30.44 -19.54
C ILE A 343 21.22 30.36 -19.15
N LYS A 344 21.53 30.83 -17.94
CA LYS A 344 22.90 30.85 -17.45
C LYS A 344 23.50 29.44 -17.37
N ASN A 345 22.68 28.47 -17.01
CA ASN A 345 23.10 27.06 -16.92
C ASN A 345 23.14 26.31 -18.25
N ASN A 346 22.58 26.90 -19.33
CA ASN A 346 22.71 26.31 -20.70
C ASN A 346 23.63 27.09 -21.66
N LEU A 347 24.55 27.90 -21.15
CA LEU A 347 25.37 28.76 -22.02
C LEU A 347 26.30 27.96 -22.91
N SER B 7 -22.18 11.90 -38.45
CA SER B 7 -20.84 11.80 -37.83
C SER B 7 -20.50 13.11 -37.13
N THR B 8 -20.72 14.25 -37.77
CA THR B 8 -20.39 15.53 -37.10
C THR B 8 -21.39 15.83 -35.95
N GLU B 9 -22.65 15.44 -36.13
CA GLU B 9 -23.63 15.58 -35.05
C GLU B 9 -23.25 14.70 -33.87
N GLU B 10 -22.72 13.50 -34.14
CA GLU B 10 -22.26 12.65 -33.06
C GLU B 10 -21.00 13.16 -32.38
N ALA B 11 -20.01 13.57 -33.18
CA ALA B 11 -18.77 14.09 -32.60
C ALA B 11 -19.02 15.37 -31.78
N THR B 12 -19.91 16.23 -32.27
CA THR B 12 -20.27 17.44 -31.53
C THR B 12 -21.13 17.10 -30.27
N ARG B 13 -21.86 15.98 -30.32
CA ARG B 13 -22.64 15.54 -29.16
C ARG B 13 -21.76 15.16 -27.98
N TRP B 14 -20.53 14.73 -28.24
CA TRP B 14 -19.61 14.35 -27.16
C TRP B 14 -19.28 15.51 -26.22
N ALA B 15 -19.36 16.73 -26.76
CA ALA B 15 -19.10 17.97 -26.06
C ALA B 15 -20.30 18.47 -25.23
N ASP B 16 -21.44 17.78 -25.33
CA ASP B 16 -22.63 18.22 -24.62
C ASP B 16 -22.47 17.99 -23.13
N SER B 17 -21.91 16.84 -22.76
CA SER B 17 -21.47 16.58 -21.42
C SER B 17 -20.63 15.29 -21.41
N PHE B 18 -19.88 15.11 -20.34
CA PHE B 18 -19.06 13.90 -20.19
C PHE B 18 -19.93 12.62 -20.28
N ASP B 19 -21.09 12.64 -19.65
CA ASP B 19 -21.95 11.47 -19.63
C ASP B 19 -22.51 11.15 -21.00
N VAL B 20 -22.73 12.17 -21.83
CA VAL B 20 -23.17 11.94 -23.21
C VAL B 20 -22.02 11.31 -23.99
N LEU B 21 -20.79 11.78 -23.78
CA LEU B 21 -19.63 11.14 -24.40
C LEU B 21 -19.55 9.65 -24.04
N LEU B 22 -19.65 9.36 -22.74
CA LEU B 22 -19.62 7.97 -22.23
C LEU B 22 -20.76 7.06 -22.76
N SER B 23 -21.85 7.66 -23.23
CA SER B 23 -23.00 6.88 -23.71
C SER B 23 -22.84 6.49 -25.19
N HIS B 24 -21.78 7.01 -25.83
CA HIS B 24 -21.46 6.70 -27.21
C HIS B 24 -20.19 5.85 -27.33
N LYS B 25 -20.32 4.64 -27.88
CA LYS B 25 -19.16 3.75 -28.13
C LYS B 25 -17.97 4.46 -28.79
N TYR B 26 -18.23 5.24 -29.83
CA TYR B 26 -17.15 5.92 -30.56
C TYR B 26 -16.57 7.08 -29.72
N GLY B 27 -17.39 7.68 -28.86
CA GLY B 27 -16.90 8.70 -27.93
C GLY B 27 -15.98 8.10 -26.89
N VAL B 28 -16.38 6.95 -26.34
CA VAL B 28 -15.53 6.20 -25.43
C VAL B 28 -14.17 5.86 -26.08
N ALA B 29 -14.19 5.39 -27.32
CA ALA B 29 -12.97 4.99 -28.02
C ALA B 29 -12.05 6.17 -28.23
N ALA B 30 -12.61 7.30 -28.65
CA ALA B 30 -11.83 8.53 -28.83
C ALA B 30 -11.24 8.99 -27.49
N PHE B 31 -12.05 9.00 -26.43
CA PHE B 31 -11.57 9.46 -25.13
C PHE B 31 -10.45 8.54 -24.59
N ARG B 32 -10.56 7.26 -24.88
CA ARG B 32 -9.52 6.27 -24.53
C ARG B 32 -8.19 6.57 -25.19
N ALA B 33 -8.22 6.80 -26.50
CA ALA B 33 -7.02 7.18 -27.23
C ALA B 33 -6.42 8.45 -26.62
N PHE B 34 -7.28 9.42 -26.29
CA PHE B 34 -6.81 10.68 -25.67
C PHE B 34 -6.13 10.44 -24.31
N LEU B 35 -6.81 9.71 -23.43
CA LEU B 35 -6.25 9.37 -22.13
C LEU B 35 -4.93 8.60 -22.22
N LYS B 36 -4.74 7.77 -23.24
CA LYS B 36 -3.43 7.12 -23.42
C LYS B 36 -2.29 8.14 -23.62
N THR B 37 -2.59 9.23 -24.33
CA THR B 37 -1.59 10.26 -24.58
C THR B 37 -1.24 11.02 -23.28
N GLU B 38 -2.13 11.00 -22.29
CA GLU B 38 -1.89 11.64 -20.99
C GLU B 38 -1.57 10.62 -19.85
N PHE B 39 -1.43 9.34 -20.19
CA PHE B 39 -1.08 8.29 -19.22
C PHE B 39 -2.08 8.27 -18.06
N SER B 40 -3.36 8.31 -18.39
CA SER B 40 -4.42 8.27 -17.37
C SER B 40 -5.59 7.34 -17.82
N GLU B 41 -5.29 6.39 -18.70
CA GLU B 41 -6.35 5.54 -19.25
CA GLU B 41 -6.30 5.47 -19.27
C GLU B 41 -6.92 4.59 -18.20
N GLU B 42 -6.19 4.37 -17.10
CA GLU B 42 -6.68 3.46 -16.02
C GLU B 42 -8.02 3.94 -15.49
N ASN B 43 -8.23 5.26 -15.51
CA ASN B 43 -9.46 5.81 -15.02
C ASN B 43 -10.66 5.34 -15.80
N LEU B 44 -10.52 5.38 -17.13
CA LEU B 44 -11.58 4.91 -17.99
C LEU B 44 -11.76 3.41 -17.95
N GLU B 45 -10.67 2.66 -17.92
CA GLU B 45 -10.80 1.23 -17.86
CA GLU B 45 -10.69 1.21 -17.80
C GLU B 45 -11.40 0.77 -16.53
N PHE B 46 -11.10 1.46 -15.44
CA PHE B 46 -11.74 1.16 -14.16
C PHE B 46 -13.23 1.49 -14.20
N TRP B 47 -13.56 2.68 -14.70
CA TRP B 47 -14.96 3.08 -14.86
C TRP B 47 -15.78 2.08 -15.71
N LEU B 48 -15.24 1.67 -16.85
CA LEU B 48 -15.91 0.69 -17.70
C LEU B 48 -16.04 -0.67 -17.01
N ALA B 49 -15.01 -1.07 -16.26
CA ALA B 49 -15.03 -2.34 -15.50
C ALA B 49 -16.16 -2.33 -14.49
N CYS B 50 -16.32 -1.21 -13.79
CA CYS B 50 -17.41 -1.04 -12.86
C CYS B 50 -18.79 -1.08 -13.53
N GLU B 51 -18.92 -0.45 -14.69
CA GLU B 51 -20.19 -0.56 -15.45
C GLU B 51 -20.52 -2.01 -15.80
N GLU B 52 -19.53 -2.74 -16.27
CA GLU B 52 -19.69 -4.16 -16.58
C GLU B 52 -20.04 -4.98 -15.33
N PHE B 53 -19.32 -4.75 -14.25
CA PHE B 53 -19.60 -5.39 -12.96
C PHE B 53 -21.08 -5.28 -12.53
N LYS B 54 -21.66 -4.10 -12.71
CA LYS B 54 -23.07 -3.83 -12.31
C LYS B 54 -24.10 -4.65 -13.09
N LYS B 55 -23.67 -5.23 -14.21
CA LYS B 55 -24.52 -6.06 -15.06
C LYS B 55 -24.47 -7.54 -14.67
N THR B 56 -23.66 -7.90 -13.67
CA THR B 56 -23.41 -9.30 -13.36
C THR B 56 -24.64 -9.97 -12.73
N ARG B 57 -24.95 -11.17 -13.18
CA ARG B 57 -26.20 -11.85 -12.78
C ARG B 57 -26.02 -12.94 -11.71
N SER B 58 -24.81 -13.46 -11.51
CA SER B 58 -24.57 -14.50 -10.49
C SER B 58 -23.60 -14.07 -9.39
N THR B 59 -23.78 -14.66 -8.21
CA THR B 59 -22.97 -14.30 -7.04
C THR B 59 -21.51 -14.76 -7.18
N ALA B 60 -21.26 -16.00 -7.59
CA ALA B 60 -19.87 -16.42 -7.86
C ALA B 60 -19.17 -15.50 -8.86
N LYS B 61 -19.86 -15.11 -9.94
CA LYS B 61 -19.28 -14.23 -10.94
C LYS B 61 -19.03 -12.84 -10.36
N LEU B 62 -19.99 -12.36 -9.57
CA LEU B 62 -19.90 -11.08 -8.89
C LEU B 62 -18.69 -11.01 -7.93
N VAL B 63 -18.59 -11.99 -7.04
CA VAL B 63 -17.46 -12.10 -6.10
C VAL B 63 -16.13 -12.15 -6.86
N SER B 64 -16.00 -12.95 -7.91
CA SER B 64 -14.70 -13.02 -8.62
C SER B 64 -14.34 -11.70 -9.29
N LYS B 65 -15.31 -11.11 -10.01
CA LYS B 65 -15.05 -9.87 -10.72
C LYS B 65 -14.74 -8.74 -9.77
N ALA B 66 -15.40 -8.70 -8.60
CA ALA B 66 -15.08 -7.67 -7.60
C ALA B 66 -13.62 -7.78 -7.13
N HIS B 67 -13.18 -8.99 -6.86
CA HIS B 67 -11.80 -9.22 -6.53
C HIS B 67 -10.78 -8.88 -7.58
N ARG B 68 -11.08 -9.20 -8.83
CA ARG B 68 -10.21 -8.83 -9.98
C ARG B 68 -10.10 -7.32 -10.18
N ILE B 69 -11.25 -6.64 -10.14
CA ILE B 69 -11.28 -5.17 -10.27
C ILE B 69 -10.45 -4.54 -9.13
N PHE B 70 -10.63 -5.04 -7.92
CA PHE B 70 -9.91 -4.48 -6.77
C PHE B 70 -8.39 -4.69 -6.91
N GLU B 71 -7.98 -5.90 -7.28
CA GLU B 71 -6.55 -6.20 -7.45
C GLU B 71 -5.91 -5.40 -8.59
N GLU B 72 -6.67 -5.19 -9.65
CA GLU B 72 -6.18 -4.51 -10.87
C GLU B 72 -6.12 -2.98 -10.74
N PHE B 73 -7.14 -2.40 -10.07
CA PHE B 73 -7.34 -0.96 -10.03
C PHE B 73 -7.37 -0.26 -8.67
N VAL B 74 -7.69 -0.97 -7.58
CA VAL B 74 -8.01 -0.28 -6.32
C VAL B 74 -6.92 -0.43 -5.25
N ASP B 75 -6.37 -1.64 -5.10
CA ASP B 75 -5.32 -1.89 -4.14
C ASP B 75 -4.14 -0.92 -4.38
N VAL B 76 -3.51 -0.49 -3.29
CA VAL B 76 -2.31 0.38 -3.37
C VAL B 76 -1.19 -0.19 -4.27
N GLN B 77 -1.04 -1.51 -4.31
CA GLN B 77 -0.06 -2.11 -5.19
C GLN B 77 -0.59 -2.42 -6.60
N ALA B 78 -1.80 -1.97 -6.92
CA ALA B 78 -2.41 -2.37 -8.15
C ALA B 78 -1.59 -1.82 -9.31
N PRO B 79 -1.41 -2.63 -10.36
CA PRO B 79 -0.68 -2.18 -11.54
C PRO B 79 -1.32 -0.97 -12.23
N ARG B 80 -2.65 -0.88 -12.19
CA ARG B 80 -3.37 0.24 -12.76
C ARG B 80 -4.16 1.01 -11.70
N GLU B 81 -3.48 1.27 -10.58
CA GLU B 81 -4.09 1.89 -9.41
C GLU B 81 -4.68 3.25 -9.77
N VAL B 82 -5.98 3.41 -9.48
CA VAL B 82 -6.67 4.65 -9.68
C VAL B 82 -6.41 5.61 -8.53
N ASN B 83 -6.46 6.88 -8.87
CA ASN B 83 -6.17 7.98 -7.97
C ASN B 83 -7.41 8.33 -7.15
N ILE B 84 -7.51 7.67 -5.99
CA ILE B 84 -8.61 7.88 -5.07
C ILE B 84 -7.97 8.00 -3.69
N ASP B 85 -8.65 8.70 -2.80
CA ASP B 85 -8.14 8.90 -1.46
C ASP B 85 -8.31 7.66 -0.58
N PHE B 86 -7.70 7.72 0.58
CA PHE B 86 -7.76 6.60 1.51
C PHE B 86 -9.21 6.30 1.94
N GLN B 87 -9.97 7.34 2.28
CA GLN B 87 -11.37 7.13 2.67
C GLN B 87 -12.09 6.32 1.61
N THR B 88 -11.92 6.66 0.34
CA THR B 88 -12.64 5.98 -0.74
C THR B 88 -12.13 4.55 -0.96
N ARG B 89 -10.83 4.38 -0.90
CA ARG B 89 -10.21 3.08 -1.09
C ARG B 89 -10.60 2.10 0.02
N GLU B 90 -10.61 2.60 1.26
CA GLU B 90 -10.95 1.83 2.44
C GLU B 90 -12.42 1.41 2.48
N ALA B 91 -13.32 2.33 2.07
CA ALA B 91 -14.74 1.98 1.96
C ALA B 91 -14.91 0.83 0.97
N THR B 92 -14.14 0.89 -0.11
CA THR B 92 -14.18 -0.12 -1.17
C THR B 92 -13.69 -1.45 -0.63
N ARG B 93 -12.56 -1.42 0.07
CA ARG B 93 -12.00 -2.60 0.75
C ARG B 93 -13.01 -3.26 1.67
N LYS B 94 -13.71 -2.46 2.47
CA LYS B 94 -14.71 -2.98 3.38
C LYS B 94 -15.90 -3.59 2.65
N ASN B 95 -16.29 -2.95 1.56
CA ASN B 95 -17.39 -3.44 0.71
C ASN B 95 -17.07 -4.79 0.09
N LEU B 96 -15.79 -5.03 -0.20
CA LEU B 96 -15.31 -6.26 -0.84
C LEU B 96 -15.46 -7.53 0.06
N GLN B 97 -15.68 -7.34 1.35
CA GLN B 97 -15.87 -8.45 2.27
C GLN B 97 -17.21 -9.16 2.03
N GLU B 98 -18.25 -8.42 1.67
CA GLU B 98 -19.50 -9.02 1.22
C GLU B 98 -19.96 -8.31 -0.04
N PRO B 99 -19.34 -8.66 -1.19
CA PRO B 99 -19.54 -7.89 -2.40
C PRO B 99 -21.00 -7.83 -2.82
N SER B 100 -21.47 -6.64 -3.19
CA SER B 100 -22.78 -6.47 -3.83
C SER B 100 -22.56 -5.65 -5.08
N LEU B 101 -23.63 -5.38 -5.82
CA LEU B 101 -23.54 -4.60 -7.05
C LEU B 101 -23.13 -3.14 -6.84
N THR B 102 -23.24 -2.63 -5.61
CA THR B 102 -22.82 -1.24 -5.31
C THR B 102 -21.40 -1.14 -4.71
N CYS B 103 -20.70 -2.26 -4.70
CA CYS B 103 -19.34 -2.33 -4.11
C CYS B 103 -18.40 -1.17 -4.50
N PHE B 104 -18.43 -0.79 -5.77
CA PHE B 104 -17.50 0.19 -6.31
C PHE B 104 -18.11 1.57 -6.52
N ASP B 105 -19.35 1.76 -6.09
CA ASP B 105 -20.04 3.01 -6.40
C ASP B 105 -19.27 4.26 -5.96
N GLN B 106 -18.70 4.21 -4.77
CA GLN B 106 -17.98 5.39 -4.22
C GLN B 106 -16.73 5.67 -5.04
N ALA B 107 -15.91 4.64 -5.25
CA ALA B 107 -14.71 4.71 -6.05
C ALA B 107 -14.97 5.07 -7.54
N GLN B 108 -15.99 4.45 -8.12
CA GLN B 108 -16.40 4.78 -9.48
C GLN B 108 -16.84 6.26 -9.60
N GLY B 109 -17.60 6.77 -8.64
CA GLY B 109 -18.02 8.18 -8.62
C GLY B 109 -16.84 9.13 -8.58
N LYS B 110 -15.87 8.80 -7.71
CA LYS B 110 -14.66 9.61 -7.58
C LYS B 110 -13.86 9.66 -8.89
N VAL B 111 -13.72 8.51 -9.53
CA VAL B 111 -12.98 8.40 -10.77
C VAL B 111 -13.75 9.09 -11.90
N HIS B 112 -15.06 8.99 -11.89
CA HIS B 112 -15.90 9.70 -12.86
C HIS B 112 -15.68 11.21 -12.73
N SER B 113 -15.70 11.73 -11.50
CA SER B 113 -15.48 13.15 -11.24
CA SER B 113 -15.47 13.17 -11.27
C SER B 113 -14.07 13.58 -11.72
N LEU B 114 -13.06 12.74 -11.45
CA LEU B 114 -11.67 13.01 -11.84
C LEU B 114 -11.53 13.19 -13.37
N MET B 115 -12.07 12.23 -14.12
CA MET B 115 -12.10 12.32 -15.61
C MET B 115 -12.91 13.52 -16.08
N GLU B 116 -14.08 13.74 -15.47
CA GLU B 116 -15.01 14.78 -15.93
C GLU B 116 -14.41 16.19 -15.81
N LYS B 117 -13.75 16.43 -14.67
CA LYS B 117 -13.24 17.74 -14.32
C LYS B 117 -11.83 18.02 -14.84
N ASP B 118 -11.01 16.99 -14.98
CA ASP B 118 -9.62 17.17 -15.38
C ASP B 118 -9.37 16.82 -16.86
N SER B 119 -9.47 15.54 -17.20
CA SER B 119 -9.16 15.06 -18.53
C SER B 119 -10.15 15.51 -19.62
N TYR B 120 -11.45 15.49 -19.32
CA TYR B 120 -12.49 15.74 -20.35
C TYR B 120 -12.47 17.17 -20.93
N PRO B 121 -12.30 18.22 -20.08
CA PRO B 121 -12.17 19.53 -20.72
C PRO B 121 -10.96 19.64 -21.67
N ARG B 122 -9.86 18.99 -21.34
CA ARG B 122 -8.71 19.02 -22.22
C ARG B 122 -8.99 18.20 -23.50
N PHE B 123 -9.73 17.11 -23.35
CA PHE B 123 -10.15 16.34 -24.53
C PHE B 123 -10.88 17.22 -25.53
N LEU B 124 -11.83 18.01 -25.03
CA LEU B 124 -12.62 18.86 -25.89
C LEU B 124 -11.83 19.97 -26.60
N ARG B 125 -10.65 20.30 -26.09
CA ARG B 125 -9.75 21.25 -26.71
C ARG B 125 -8.57 20.61 -27.47
N SER B 126 -8.54 19.28 -27.51
CA SER B 126 -7.39 18.56 -28.01
C SER B 126 -7.28 18.61 -29.54
N LYS B 127 -6.07 18.48 -30.03
CA LYS B 127 -5.85 18.24 -31.45
C LYS B 127 -6.59 16.99 -31.94
N MET B 128 -6.54 15.92 -31.15
CA MET B 128 -7.21 14.67 -31.46
C MET B 128 -8.71 14.85 -31.73
N TYR B 129 -9.41 15.52 -30.81
CA TYR B 129 -10.85 15.76 -30.97
C TYR B 129 -11.13 16.73 -32.13
N LEU B 130 -10.32 17.78 -32.23
CA LEU B 130 -10.49 18.76 -33.32
C LEU B 130 -10.30 18.10 -34.70
N ASP B 131 -9.33 17.20 -34.81
CA ASP B 131 -9.15 16.42 -36.06
C ASP B 131 -10.37 15.54 -36.34
N LEU B 132 -10.86 14.83 -35.32
CA LEU B 132 -12.07 14.02 -35.51
C LEU B 132 -13.25 14.85 -36.03
N LEU B 133 -13.47 16.03 -35.43
CA LEU B 133 -14.51 16.95 -35.88
C LEU B 133 -14.34 17.41 -37.29
N SER B 134 -13.13 17.82 -37.63
CA SER B 134 -12.88 18.38 -38.97
C SER B 134 -12.96 17.28 -40.05
N GLN B 135 -12.63 16.05 -39.68
CA GLN B 135 -12.73 14.91 -40.59
C GLN B 135 -14.15 14.32 -40.71
N SER B 136 -14.97 14.48 -39.66
CA SER B 136 -16.34 13.93 -39.58
C SER B 136 -17.24 14.23 -40.81
N GLN B 137 -18.08 13.27 -41.15
CA GLN B 137 -18.88 13.23 -42.37
C GLN B 137 -17.96 13.01 -43.59
N ALA C 30 35.71 -30.42 -3.37
CA ALA C 30 34.29 -30.02 -3.16
C ALA C 30 33.98 -28.69 -3.86
N LYS C 31 33.07 -28.74 -4.85
CA LYS C 31 32.67 -27.53 -5.57
C LYS C 31 31.60 -26.83 -4.78
N GLU C 32 31.70 -25.51 -4.64
CA GLU C 32 30.71 -24.76 -3.87
C GLU C 32 29.57 -24.27 -4.75
N VAL C 33 28.36 -24.37 -4.20
CA VAL C 33 27.14 -23.94 -4.85
C VAL C 33 26.45 -22.97 -3.90
N LYS C 34 26.03 -21.81 -4.42
CA LYS C 34 25.15 -20.88 -3.65
C LYS C 34 23.69 -21.05 -4.06
N LEU C 35 22.87 -21.50 -3.10
CA LEU C 35 21.48 -21.87 -3.32
C LEU C 35 20.55 -20.94 -2.50
N LEU C 36 19.67 -20.20 -3.19
CA LEU C 36 18.61 -19.45 -2.51
C LEU C 36 17.30 -20.21 -2.52
N LEU C 37 16.67 -20.24 -1.35
CA LEU C 37 15.27 -20.64 -1.19
C LEU C 37 14.43 -19.37 -1.14
N LEU C 38 13.67 -19.15 -2.20
CA LEU C 38 12.81 -17.99 -2.35
C LEU C 38 11.36 -18.40 -2.55
N GLY C 39 10.48 -17.43 -2.35
CA GLY C 39 9.06 -17.66 -2.46
C GLY C 39 8.31 -16.82 -1.45
N ALA C 40 7.01 -16.67 -1.72
CA ALA C 40 6.14 -15.92 -0.87
C ALA C 40 6.00 -16.59 0.52
N GLY C 41 5.46 -15.85 1.47
CA GLY C 41 5.20 -16.39 2.78
C GLY C 41 4.42 -17.70 2.78
N GLU C 42 4.88 -18.60 3.66
CA GLU C 42 4.25 -19.90 3.91
CA GLU C 42 4.25 -19.90 3.90
C GLU C 42 4.32 -20.84 2.72
N SER C 43 5.20 -20.57 1.75
CA SER C 43 5.26 -21.44 0.56
C SER C 43 5.95 -22.81 0.81
N GLY C 44 6.72 -22.93 1.88
CA GLY C 44 7.39 -24.17 2.22
C GLY C 44 8.92 -24.15 2.27
N LYS C 45 9.51 -22.95 2.15
CA LYS C 45 10.97 -22.77 2.09
C LYS C 45 11.69 -23.37 3.31
N SER C 46 11.21 -23.07 4.52
CA SER C 46 11.86 -23.55 5.74
C SER C 46 11.67 -25.03 5.96
N THR C 47 10.62 -25.58 5.35
CA THR C 47 10.32 -27.01 5.45
C THR C 47 11.34 -27.79 4.56
N ILE C 48 11.61 -27.27 3.36
CA ILE C 48 12.65 -27.78 2.51
C ILE C 48 14.00 -27.76 3.23
N VAL C 49 14.25 -26.70 4.02
CA VAL C 49 15.46 -26.58 4.83
C VAL C 49 15.56 -27.66 5.90
N LYS C 50 14.47 -27.87 6.63
CA LYS C 50 14.41 -28.99 7.58
C LYS C 50 14.70 -30.35 6.92
N GLN C 51 14.21 -30.54 5.68
CA GLN C 51 14.44 -31.79 4.95
C GLN C 51 15.90 -31.97 4.52
N MET C 52 16.61 -30.89 4.17
CA MET C 52 18.05 -30.98 3.87
C MET C 52 18.80 -31.46 5.11
N LYS C 53 18.37 -30.99 6.28
CA LYS C 53 18.91 -31.44 7.55
C LYS C 53 18.68 -32.93 7.80
N ILE C 54 17.44 -33.38 7.62
CA ILE C 54 17.09 -34.81 7.76
C ILE C 54 17.84 -35.68 6.76
N ILE C 55 17.83 -35.27 5.49
CA ILE C 55 18.37 -36.06 4.37
C ILE C 55 19.88 -35.95 4.18
N HIS C 56 20.43 -34.77 4.35
CA HIS C 56 21.79 -34.51 3.98
C HIS C 56 22.66 -33.98 5.11
N GLU C 57 22.13 -33.80 6.30
CA GLU C 57 22.90 -33.35 7.46
C GLU C 57 22.64 -34.34 8.57
N ASP C 58 22.55 -33.87 9.81
CA ASP C 58 22.59 -34.76 10.96
C ASP C 58 21.22 -35.19 11.53
N GLY C 59 20.13 -34.72 10.90
CA GLY C 59 18.79 -35.14 11.29
C GLY C 59 18.29 -34.49 12.58
N TYR C 60 17.13 -34.94 13.05
CA TYR C 60 16.59 -34.49 14.34
C TYR C 60 16.78 -35.56 15.42
N SER C 61 17.47 -35.17 16.49
CA SER C 61 17.66 -36.04 17.65
C SER C 61 16.35 -36.10 18.45
N GLU C 62 16.33 -36.91 19.50
CA GLU C 62 15.22 -36.90 20.45
C GLU C 62 15.12 -35.52 21.12
N ASP C 63 16.25 -35.01 21.60
CA ASP C 63 16.32 -33.67 22.21
C ASP C 63 15.79 -32.55 21.30
N GLU C 64 16.16 -32.60 20.01
CA GLU C 64 15.72 -31.57 19.07
C GLU C 64 14.20 -31.62 18.90
N CYS C 65 13.64 -32.83 18.80
CA CYS C 65 12.19 -33.01 18.70
C CYS C 65 11.46 -32.44 19.91
N LYS C 66 12.01 -32.65 21.10
CA LYS C 66 11.41 -32.16 22.36
C LYS C 66 11.26 -30.65 22.40
N GLN C 67 12.23 -29.92 21.86
CA GLN C 67 12.16 -28.45 21.74
C GLN C 67 11.07 -27.98 20.75
N TYR C 68 10.50 -28.91 19.99
CA TYR C 68 9.35 -28.60 19.14
C TYR C 68 7.97 -28.87 19.78
N LYS C 69 7.94 -29.36 21.01
CA LYS C 69 6.65 -29.59 21.69
C LYS C 69 5.89 -28.29 21.90
N VAL C 70 6.56 -27.28 22.45
CA VAL C 70 5.90 -25.99 22.68
C VAL C 70 5.42 -25.35 21.39
N VAL C 71 6.09 -25.65 20.28
CA VAL C 71 5.71 -25.10 18.96
C VAL C 71 4.44 -25.80 18.46
N VAL C 72 4.44 -27.12 18.54
CA VAL C 72 3.21 -27.90 18.27
C VAL C 72 2.04 -27.35 19.08
N TYR C 73 2.24 -27.12 20.38
CA TYR C 73 1.14 -26.66 21.26
C TYR C 73 0.68 -25.22 20.92
N SER C 74 1.63 -24.32 20.67
CA SER C 74 1.29 -22.97 20.23
C SER C 74 0.52 -23.00 18.86
N ASN C 75 1.00 -23.80 17.91
CA ASN C 75 0.35 -23.90 16.61
C ASN C 75 -1.10 -24.39 16.78
N THR C 76 -1.28 -25.40 17.62
CA THR C 76 -2.59 -26.03 17.85
C THR C 76 -3.54 -25.03 18.50
N ILE C 77 -3.08 -24.40 19.59
CA ILE C 77 -3.89 -23.47 20.34
C ILE C 77 -4.22 -22.28 19.47
N GLN C 78 -3.23 -21.75 18.75
CA GLN C 78 -3.51 -20.60 17.89
C GLN C 78 -4.45 -20.92 16.72
N SER C 79 -4.38 -22.14 16.21
CA SER C 79 -5.29 -22.55 15.14
C SER C 79 -6.73 -22.63 15.60
N ILE C 80 -7.01 -23.31 16.71
CA ILE C 80 -8.39 -23.39 17.16
C ILE C 80 -8.95 -22.00 17.51
N ILE C 81 -8.11 -21.14 18.09
CA ILE C 81 -8.53 -19.77 18.39
C ILE C 81 -8.91 -19.01 17.10
N ALA C 82 -8.11 -19.16 16.04
CA ALA C 82 -8.39 -18.56 14.73
C ALA C 82 -9.78 -18.94 14.20
N ILE C 83 -10.14 -20.21 14.34
CA ILE C 83 -11.39 -20.72 13.78
C ILE C 83 -12.52 -20.13 14.60
N ILE C 84 -12.33 -20.11 15.91
CA ILE C 84 -13.36 -19.55 16.80
C ILE C 84 -13.56 -18.04 16.51
N ARG C 85 -12.46 -17.29 16.45
CA ARG C 85 -12.56 -15.87 16.11
C ARG C 85 -13.31 -15.65 14.79
N ALA C 86 -13.03 -16.47 13.80
CA ALA C 86 -13.65 -16.32 12.50
C ALA C 86 -15.16 -16.58 12.53
N MET C 87 -15.61 -17.43 13.45
CA MET C 87 -17.02 -17.75 13.52
C MET C 87 -17.83 -16.49 13.84
N GLY C 88 -17.25 -15.63 14.68
CA GLY C 88 -17.85 -14.36 15.01
C GLY C 88 -17.99 -13.53 13.73
N ARG C 89 -16.88 -13.38 13.02
CA ARG C 89 -16.82 -12.55 11.82
C ARG C 89 -17.63 -13.13 10.66
N LEU C 90 -17.75 -14.46 10.57
CA LEU C 90 -18.51 -15.12 9.48
C LEU C 90 -19.98 -15.44 9.84
N LYS C 91 -20.39 -15.10 11.05
CA LYS C 91 -21.75 -15.39 11.50
C LYS C 91 -22.14 -16.88 11.37
N ILE C 92 -21.29 -17.74 11.95
CA ILE C 92 -21.53 -19.19 12.06
C ILE C 92 -21.77 -19.52 13.52
N ASP C 93 -22.86 -20.25 13.80
CA ASP C 93 -23.22 -20.66 15.17
C ASP C 93 -22.52 -21.96 15.56
N PHE C 94 -22.34 -22.16 16.85
CA PHE C 94 -21.92 -23.45 17.37
C PHE C 94 -22.98 -24.49 17.09
N GLY C 95 -22.56 -25.72 16.80
CA GLY C 95 -23.48 -26.85 16.74
C GLY C 95 -24.20 -27.11 18.08
N GLU C 96 -23.46 -27.00 19.18
CA GLU C 96 -24.05 -27.08 20.53
C GLU C 96 -23.76 -25.81 21.33
N ALA C 97 -24.82 -25.21 21.89
CA ALA C 97 -24.72 -23.97 22.68
C ALA C 97 -23.68 -24.01 23.82
N ALA C 98 -23.52 -25.19 24.44
CA ALA C 98 -22.56 -25.38 25.54
C ALA C 98 -21.11 -25.14 25.14
N ARG C 99 -20.79 -25.24 23.85
CA ARG C 99 -19.43 -25.00 23.38
C ARG C 99 -19.06 -23.55 23.62
N ALA C 100 -20.06 -22.68 23.78
CA ALA C 100 -19.85 -21.29 24.24
C ALA C 100 -19.01 -21.23 25.53
N ASP C 101 -19.26 -22.15 26.47
CA ASP C 101 -18.48 -22.21 27.71
C ASP C 101 -17.06 -22.70 27.49
N ASP C 102 -16.92 -23.69 26.62
CA ASP C 102 -15.61 -24.19 26.18
C ASP C 102 -14.83 -23.09 25.47
N ALA C 103 -15.53 -22.28 24.67
CA ALA C 103 -14.88 -21.16 23.99
C ALA C 103 -14.20 -20.19 24.97
N ARG C 104 -14.90 -19.76 26.03
CA ARG C 104 -14.30 -18.81 26.98
C ARG C 104 -13.13 -19.49 27.72
N GLN C 105 -13.31 -20.75 28.10
CA GLN C 105 -12.26 -21.50 28.76
C GLN C 105 -11.01 -21.61 27.91
N LEU C 106 -11.19 -21.70 26.60
CA LEU C 106 -10.08 -21.72 25.67
C LEU C 106 -9.24 -20.45 25.80
N PHE C 107 -9.90 -19.31 25.84
CA PHE C 107 -9.19 -18.02 26.02
C PHE C 107 -8.55 -17.91 27.44
N VAL C 108 -9.18 -18.51 28.43
CA VAL C 108 -8.62 -18.54 29.79
C VAL C 108 -7.29 -19.32 29.80
N LEU C 109 -7.29 -20.52 29.21
CA LEU C 109 -6.14 -21.43 29.31
C LEU C 109 -5.09 -21.29 28.20
N ALA C 110 -5.25 -20.31 27.30
CA ALA C 110 -4.48 -20.27 26.04
C ALA C 110 -2.95 -20.21 26.19
N GLY C 111 -2.47 -19.78 27.36
CA GLY C 111 -1.04 -19.74 27.65
C GLY C 111 -0.61 -20.70 28.74
N SER C 112 -1.47 -21.66 29.07
CA SER C 112 -1.11 -22.71 30.03
C SER C 112 -0.11 -23.73 29.45
N ALA C 113 0.00 -23.77 28.11
CA ALA C 113 0.89 -24.71 27.41
C ALA C 113 2.24 -24.08 27.07
N GLU C 114 2.60 -23.02 27.79
CA GLU C 114 3.80 -22.24 27.46
C GLU C 114 5.07 -23.00 27.80
N GLU C 115 5.09 -23.62 28.98
CA GLU C 115 6.25 -24.39 29.43
C GLU C 115 6.18 -25.86 28.97
N GLY C 116 5.44 -26.11 27.87
CA GLY C 116 5.38 -27.41 27.20
C GLY C 116 4.36 -28.43 27.68
N VAL C 117 3.48 -28.04 28.60
CA VAL C 117 2.49 -28.96 29.17
C VAL C 117 1.10 -28.56 28.73
N MET C 118 0.40 -29.46 28.04
CA MET C 118 -1.00 -29.21 27.70
C MET C 118 -1.85 -29.97 28.69
N THR C 119 -2.62 -29.25 29.50
CA THR C 119 -3.43 -29.85 30.54
C THR C 119 -4.57 -30.66 29.95
N PRO C 120 -5.00 -31.70 30.68
CA PRO C 120 -6.22 -32.42 30.31
C PRO C 120 -7.42 -31.50 30.06
N GLU C 121 -7.55 -30.45 30.87
CA GLU C 121 -8.68 -29.54 30.75
C GLU C 121 -8.65 -28.74 29.45
N LEU C 122 -7.46 -28.21 29.10
CA LEU C 122 -7.30 -27.51 27.82
C LEU C 122 -7.50 -28.49 26.68
N ALA C 123 -6.88 -29.67 26.80
CA ALA C 123 -7.05 -30.73 25.81
C ALA C 123 -8.54 -31.05 25.58
N GLY C 124 -9.31 -31.14 26.67
CA GLY C 124 -10.74 -31.46 26.57
C GLY C 124 -11.51 -30.36 25.84
N VAL C 125 -11.22 -29.13 26.22
CA VAL C 125 -11.86 -27.96 25.59
C VAL C 125 -11.58 -27.90 24.09
N ILE C 126 -10.33 -28.08 23.68
CA ILE C 126 -9.98 -28.01 22.27
C ILE C 126 -10.71 -29.11 21.44
N LYS C 127 -10.71 -30.33 21.97
CA LYS C 127 -11.43 -31.50 21.40
C LYS C 127 -12.91 -31.21 21.17
N ARG C 128 -13.60 -30.74 22.20
CA ARG C 128 -15.01 -30.49 22.07
C ARG C 128 -15.31 -29.42 21.03
N LEU C 129 -14.50 -28.36 21.02
CA LEU C 129 -14.63 -27.31 20.01
C LEU C 129 -14.37 -27.85 18.60
N TRP C 130 -13.25 -28.51 18.41
CA TRP C 130 -12.88 -29.06 17.14
C TRP C 130 -13.92 -30.01 16.56
N ARG C 131 -14.56 -30.81 17.41
CA ARG C 131 -15.58 -31.75 16.96
C ARG C 131 -16.98 -31.17 16.83
N ASP C 132 -17.15 -29.90 17.20
CA ASP C 132 -18.43 -29.24 17.03
C ASP C 132 -18.72 -28.95 15.55
N GLY C 133 -20.00 -29.13 15.18
CA GLY C 133 -20.46 -28.99 13.78
C GLY C 133 -20.28 -27.59 13.21
N GLY C 134 -20.50 -26.60 14.05
CA GLY C 134 -20.29 -25.20 13.67
C GLY C 134 -18.83 -24.85 13.52
N VAL C 135 -18.00 -25.40 14.40
CA VAL C 135 -16.56 -25.16 14.27
C VAL C 135 -16.06 -25.80 12.97
N GLN C 136 -16.58 -26.98 12.67
CA GLN C 136 -16.17 -27.69 11.47
C GLN C 136 -16.62 -26.99 10.20
N ALA C 137 -17.83 -26.43 10.23
CA ALA C 137 -18.34 -25.60 9.16
C ALA C 137 -17.41 -24.37 8.93
N CYS C 138 -16.94 -23.76 10.02
CA CYS C 138 -16.03 -22.63 9.88
C CYS C 138 -14.68 -23.08 9.34
N PHE C 139 -14.17 -24.19 9.89
CA PHE C 139 -12.95 -24.77 9.36
C PHE C 139 -13.01 -24.95 7.85
N SER C 140 -14.14 -25.45 7.36
CA SER C 140 -14.35 -25.70 5.92
C SER C 140 -14.27 -24.40 5.09
N ARG C 141 -14.52 -23.28 5.75
CA ARG C 141 -14.49 -21.99 5.11
C ARG C 141 -13.21 -21.21 5.43
N SER C 142 -12.12 -21.91 5.74
CA SER C 142 -10.87 -21.30 6.19
C SER C 142 -10.22 -20.42 5.11
N ARG C 143 -10.52 -20.62 3.84
CA ARG C 143 -10.06 -19.66 2.83
C ARG C 143 -10.54 -18.21 3.06
N GLU C 144 -11.57 -18.02 3.89
CA GLU C 144 -12.09 -16.72 4.17
C GLU C 144 -11.34 -16.00 5.28
N TYR C 145 -10.37 -16.67 5.91
CA TYR C 145 -9.61 -16.04 6.98
C TYR C 145 -8.19 -16.59 6.86
N GLN C 146 -7.40 -16.56 7.91
CA GLN C 146 -6.02 -17.01 7.86
C GLN C 146 -5.84 -18.15 8.86
N LEU C 147 -5.61 -19.35 8.35
CA LEU C 147 -5.45 -20.53 9.17
C LEU C 147 -4.22 -21.31 8.72
N ASN C 148 -3.39 -21.72 9.70
CA ASN C 148 -2.18 -22.52 9.42
C ASN C 148 -2.53 -23.81 8.70
N ASP C 149 -1.74 -24.17 7.70
CA ASP C 149 -2.03 -25.41 6.99
C ASP C 149 -2.00 -26.67 7.84
N SER C 150 -1.23 -26.66 8.92
CA SER C 150 -1.12 -27.84 9.77
C SER C 150 -2.22 -27.93 10.87
N ALA C 151 -3.16 -26.99 10.84
CA ALA C 151 -4.22 -26.92 11.86
C ALA C 151 -4.90 -28.26 12.06
N SER C 152 -5.43 -28.82 10.97
CA SER C 152 -6.19 -30.05 11.06
C SER C 152 -5.26 -31.27 11.37
N TYR C 153 -4.02 -31.21 10.89
CA TYR C 153 -3.05 -32.25 11.22
C TYR C 153 -2.89 -32.44 12.76
N TYR C 154 -2.74 -31.34 13.47
CA TYR C 154 -2.57 -31.42 14.92
C TYR C 154 -3.88 -31.65 15.66
N LEU C 155 -4.93 -30.92 15.23
CA LEU C 155 -6.24 -31.00 15.92
C LEU C 155 -6.84 -32.41 15.78
N ASN C 156 -6.63 -33.06 14.64
CA ASN C 156 -7.09 -34.45 14.43
C ASN C 156 -6.33 -35.51 15.25
N ASP C 157 -5.12 -35.17 15.67
CA ASP C 157 -4.21 -36.07 16.41
C ASP C 157 -4.06 -35.52 17.83
N LEU C 158 -5.11 -34.85 18.32
CA LEU C 158 -5.09 -34.21 19.63
C LEU C 158 -4.89 -35.22 20.76
N ASP C 159 -5.53 -36.38 20.67
CA ASP C 159 -5.37 -37.38 21.72
C ASP C 159 -3.90 -37.79 21.88
N ARG C 160 -3.21 -38.01 20.76
CA ARG C 160 -1.79 -38.35 20.80
C ARG C 160 -0.91 -37.22 21.32
N ILE C 161 -1.08 -36.04 20.76
CA ILE C 161 -0.24 -34.88 21.05
CA ILE C 161 -0.19 -34.94 21.08
C ILE C 161 -0.42 -34.34 22.47
N SER C 162 -1.61 -34.54 23.05
CA SER C 162 -1.88 -34.01 24.39
C SER C 162 -1.39 -34.91 25.54
N GLN C 163 -0.87 -36.11 25.23
CA GLN C 163 -0.36 -37.01 26.28
C GLN C 163 0.77 -36.31 27.02
N SER C 164 0.80 -36.48 28.34
CA SER C 164 1.79 -35.80 29.19
C SER C 164 3.23 -36.10 28.76
N ASN C 165 3.45 -37.30 28.24
CA ASN C 165 4.75 -37.75 27.81
C ASN C 165 5.02 -37.49 26.33
N TYR C 166 4.18 -36.68 25.68
CA TYR C 166 4.30 -36.43 24.24
C TYR C 166 5.69 -35.96 23.83
N ILE C 167 6.32 -36.69 22.92
CA ILE C 167 7.48 -36.20 22.17
C ILE C 167 7.15 -36.12 20.67
N PRO C 168 7.31 -34.93 20.06
CA PRO C 168 7.03 -34.80 18.62
C PRO C 168 7.76 -35.77 17.71
N THR C 169 7.04 -36.32 16.75
CA THR C 169 7.63 -37.15 15.72
C THR C 169 8.29 -36.23 14.71
N GLN C 170 9.08 -36.83 13.83
CA GLN C 170 9.71 -36.07 12.77
C GLN C 170 8.66 -35.36 11.90
N GLN C 171 7.55 -36.05 11.57
CA GLN C 171 6.50 -35.40 10.78
C GLN C 171 5.88 -34.27 11.58
N ASP C 172 5.67 -34.45 12.89
CA ASP C 172 5.23 -33.34 13.75
C ASP C 172 6.12 -32.09 13.64
N VAL C 173 7.44 -32.29 13.67
CA VAL C 173 8.40 -31.19 13.53
C VAL C 173 8.30 -30.54 12.13
N LEU C 174 8.24 -31.36 11.09
CA LEU C 174 8.11 -30.87 9.70
C LEU C 174 6.87 -30.03 9.53
N ARG C 175 5.82 -30.39 10.26
CA ARG C 175 4.53 -29.71 10.18
C ARG C 175 4.46 -28.41 11.01
N THR C 176 5.44 -28.15 11.88
CA THR C 176 5.38 -26.91 12.66
C THR C 176 5.49 -25.66 11.78
N ARG C 177 4.81 -24.62 12.24
CA ARG C 177 4.81 -23.29 11.65
C ARG C 177 5.59 -22.32 12.54
N VAL C 178 6.69 -21.77 12.02
CA VAL C 178 7.43 -20.68 12.65
C VAL C 178 7.81 -19.74 11.50
N LYS C 179 7.25 -18.53 11.54
CA LYS C 179 7.58 -17.55 10.53
C LYS C 179 9.05 -17.13 10.56
N THR C 180 9.68 -17.16 9.38
CA THR C 180 11.09 -16.77 9.22
C THR C 180 11.13 -15.27 8.99
N THR C 181 12.03 -14.60 9.69
CA THR C 181 12.38 -13.20 9.42
C THR C 181 13.87 -13.10 9.14
N GLY C 182 14.21 -12.32 8.11
CA GLY C 182 15.58 -12.09 7.78
C GLY C 182 16.09 -13.10 6.76
N ILE C 183 17.41 -13.27 6.78
CA ILE C 183 18.13 -14.20 5.89
C ILE C 183 18.97 -15.15 6.75
N VAL C 184 18.76 -16.45 6.59
CA VAL C 184 19.46 -17.48 7.38
C VAL C 184 20.27 -18.42 6.46
N GLU C 185 21.56 -18.49 6.71
CA GLU C 185 22.48 -19.26 5.88
C GLU C 185 22.80 -20.57 6.60
N THR C 186 22.72 -21.67 5.86
CA THR C 186 23.09 -22.96 6.39
C THR C 186 23.97 -23.65 5.34
N HIS C 187 24.62 -24.76 5.72
CA HIS C 187 25.42 -25.52 4.76
C HIS C 187 25.30 -27.03 4.94
N PHE C 188 25.48 -27.73 3.83
CA PHE C 188 25.53 -29.19 3.80
C PHE C 188 26.29 -29.60 2.56
N THR C 189 26.70 -30.87 2.49
CA THR C 189 27.36 -31.44 1.30
C THR C 189 26.55 -32.60 0.71
N PHE C 190 26.59 -32.71 -0.62
CA PHE C 190 25.90 -33.79 -1.33
C PHE C 190 26.53 -33.91 -2.71
N LYS C 191 26.83 -35.15 -3.11
CA LYS C 191 27.40 -35.43 -4.42
C LYS C 191 28.58 -34.50 -4.67
N ASP C 192 29.52 -34.48 -3.70
CA ASP C 192 30.74 -33.65 -3.78
C ASP C 192 30.49 -32.15 -4.07
N LEU C 193 29.28 -31.68 -3.76
CA LEU C 193 29.00 -30.27 -3.89
C LEU C 193 28.78 -29.73 -2.48
N TYR C 194 29.39 -28.58 -2.21
CA TYR C 194 29.25 -27.91 -0.92
C TYR C 194 28.18 -26.82 -1.07
N PHE C 195 27.04 -27.04 -0.44
CA PHE C 195 25.89 -26.16 -0.60
C PHE C 195 25.91 -25.08 0.50
N LYS C 196 25.93 -23.83 0.06
CA LYS C 196 25.69 -22.69 0.93
C LYS C 196 24.26 -22.30 0.66
N MET C 197 23.35 -22.66 1.58
CA MET C 197 21.92 -22.48 1.39
C MET C 197 21.36 -21.31 2.23
N PHE C 198 20.60 -20.45 1.56
CA PHE C 198 20.06 -19.23 2.16
C PHE C 198 18.54 -19.30 2.16
N ASP C 199 17.96 -19.32 3.35
CA ASP C 199 16.52 -19.28 3.57
C ASP C 199 16.12 -17.84 3.98
N VAL C 200 15.02 -17.34 3.41
CA VAL C 200 14.60 -15.94 3.52
C VAL C 200 13.12 -15.91 3.99
N GLY C 201 12.72 -14.80 4.62
CA GLY C 201 11.30 -14.52 4.89
C GLY C 201 10.63 -14.11 3.61
N GLY C 202 9.37 -14.51 3.43
CA GLY C 202 8.66 -14.35 2.16
C GLY C 202 7.59 -13.29 2.10
N GLN C 203 7.17 -12.79 3.28
CA GLN C 203 6.18 -11.70 3.33
C GLN C 203 6.70 -10.47 2.59
N ARG C 204 5.80 -9.65 2.08
CA ARG C 204 6.17 -8.44 1.36
C ARG C 204 7.21 -7.58 2.11
N SER C 205 7.06 -7.41 3.42
CA SER C 205 7.96 -6.56 4.23
C SER C 205 9.39 -7.08 4.17
N GLU C 206 9.56 -8.39 4.00
CA GLU C 206 10.90 -9.02 4.03
C GLU C 206 11.67 -8.88 2.71
N ARG C 207 10.93 -8.67 1.62
CA ARG C 207 11.52 -8.77 0.26
C ARG C 207 12.55 -7.72 -0.12
N LYS C 208 12.46 -6.52 0.46
CA LYS C 208 13.52 -5.52 0.37
C LYS C 208 14.90 -6.05 0.84
N LYS C 209 14.88 -7.12 1.62
CA LYS C 209 16.12 -7.66 2.18
C LYS C 209 16.82 -8.64 1.25
N TRP C 210 16.08 -9.14 0.27
CA TRP C 210 16.55 -10.28 -0.53
C TRP C 210 17.80 -9.96 -1.32
N ILE C 211 17.88 -8.71 -1.79
CA ILE C 211 19.03 -8.21 -2.57
C ILE C 211 20.39 -8.50 -1.91
N HIS C 212 20.46 -8.54 -0.59
CA HIS C 212 21.69 -8.90 0.12
C HIS C 212 22.25 -10.27 -0.26
N CYS C 213 21.42 -11.22 -0.68
CA CYS C 213 21.97 -12.56 -0.98
C CYS C 213 22.03 -12.88 -2.50
N PHE C 214 21.84 -11.85 -3.33
CA PHE C 214 21.63 -12.03 -4.77
C PHE C 214 22.89 -12.18 -5.64
N GLU C 215 24.06 -11.93 -5.05
CA GLU C 215 25.34 -12.03 -5.74
C GLU C 215 25.85 -13.49 -5.84
N GLY C 216 26.28 -13.87 -7.03
CA GLY C 216 26.90 -15.18 -7.29
C GLY C 216 26.03 -16.38 -6.99
N VAL C 217 24.74 -16.28 -7.35
CA VAL C 217 23.81 -17.34 -7.05
C VAL C 217 23.91 -18.46 -8.12
N THR C 218 24.25 -19.66 -7.67
CA THR C 218 24.25 -20.85 -8.55
C THR C 218 22.88 -21.37 -8.92
N ALA C 219 21.98 -21.45 -7.93
CA ALA C 219 20.64 -21.98 -8.15
C ALA C 219 19.67 -21.37 -7.17
N ILE C 220 18.43 -21.19 -7.64
CA ILE C 220 17.30 -20.78 -6.84
C ILE C 220 16.26 -21.90 -6.86
N ILE C 221 15.76 -22.25 -5.68
CA ILE C 221 14.55 -23.08 -5.57
C ILE C 221 13.46 -22.10 -5.19
N PHE C 222 12.58 -21.81 -6.14
CA PHE C 222 11.47 -20.90 -5.92
C PHE C 222 10.22 -21.74 -5.56
N CYS C 223 9.71 -21.51 -4.34
CA CYS C 223 8.62 -22.31 -3.80
C CYS C 223 7.30 -21.60 -4.01
N VAL C 224 6.34 -22.38 -4.50
CA VAL C 224 4.95 -21.93 -4.73
C VAL C 224 4.02 -22.95 -4.01
N ALA C 225 3.15 -22.48 -3.13
CA ALA C 225 2.10 -23.35 -2.53
C ALA C 225 0.99 -23.51 -3.55
N LEU C 226 0.87 -24.69 -4.13
CA LEU C 226 -0.19 -24.96 -5.07
C LEU C 226 -1.58 -24.69 -4.47
N SER C 227 -1.69 -24.96 -3.17
CA SER C 227 -2.96 -24.84 -2.43
C SER C 227 -3.33 -23.39 -2.10
N ASP C 228 -2.54 -22.42 -2.58
CA ASP C 228 -2.76 -20.94 -2.41
C ASP C 228 -3.77 -20.36 -3.37
N TYR C 229 -4.29 -21.17 -4.29
CA TYR C 229 -4.98 -20.61 -5.44
C TYR C 229 -6.29 -19.97 -5.04
N ASP C 230 -6.87 -20.37 -3.90
CA ASP C 230 -8.11 -19.75 -3.42
C ASP C 230 -7.93 -18.99 -2.10
N LEU C 231 -6.69 -18.67 -1.73
CA LEU C 231 -6.38 -17.92 -0.49
C LEU C 231 -5.97 -16.48 -0.79
N VAL C 232 -6.03 -15.63 0.25
CA VAL C 232 -5.50 -14.30 0.23
C VAL C 232 -4.29 -14.16 1.18
N LEU C 233 -3.44 -13.20 0.87
CA LEU C 233 -2.24 -12.90 1.66
C LEU C 233 -2.62 -12.44 3.06
N ALA C 234 -1.87 -12.92 4.06
CA ALA C 234 -2.00 -12.42 5.44
C ALA C 234 -1.67 -10.91 5.54
N GLU C 235 -0.76 -10.42 4.69
CA GLU C 235 -0.35 -9.01 4.70
C GLU C 235 -1.23 -8.14 3.75
N ASP C 236 -2.09 -8.78 2.98
CA ASP C 236 -3.03 -8.05 2.08
C ASP C 236 -4.17 -8.97 1.77
N GLU C 237 -5.25 -8.80 2.50
CA GLU C 237 -6.34 -9.78 2.42
C GLU C 237 -7.21 -9.61 1.16
N GLU C 238 -6.89 -8.60 0.35
CA GLU C 238 -7.55 -8.37 -0.94
C GLU C 238 -6.70 -8.85 -2.14
N MET C 239 -5.62 -9.55 -1.85
CA MET C 239 -4.73 -10.10 -2.88
C MET C 239 -4.73 -11.61 -2.82
N ASN C 240 -5.13 -12.23 -3.95
CA ASN C 240 -4.99 -13.67 -4.15
C ASN C 240 -3.52 -14.13 -4.04
N ARG C 241 -3.28 -15.15 -3.24
CA ARG C 241 -1.91 -15.59 -2.88
C ARG C 241 -1.11 -16.11 -4.07
N MET C 242 -1.81 -16.79 -4.96
CA MET C 242 -1.16 -17.34 -6.14
CA MET C 242 -1.18 -17.34 -6.15
C MET C 242 -0.90 -16.24 -7.15
N HIS C 243 -1.80 -15.24 -7.24
CA HIS C 243 -1.52 -14.07 -8.08
C HIS C 243 -0.23 -13.43 -7.60
N GLU C 244 -0.09 -13.30 -6.27
CA GLU C 244 1.11 -12.70 -5.63
C GLU C 244 2.36 -13.51 -5.97
N SER C 245 2.27 -14.83 -5.81
CA SER C 245 3.34 -15.76 -6.22
C SER C 245 3.74 -15.65 -7.69
N MET C 246 2.75 -15.54 -8.58
CA MET C 246 3.06 -15.27 -10.01
C MET C 246 3.87 -13.98 -10.22
N LYS C 247 3.46 -12.88 -9.61
CA LYS C 247 4.14 -11.60 -9.82
C LYS C 247 5.58 -11.70 -9.28
N LEU C 248 5.70 -12.36 -8.14
CA LEU C 248 7.02 -12.54 -7.49
C LEU C 248 7.94 -13.46 -8.31
N PHE C 249 7.37 -14.55 -8.85
CA PHE C 249 8.16 -15.41 -9.71
C PHE C 249 8.61 -14.71 -11.01
N ASP C 250 7.72 -13.92 -11.61
CA ASP C 250 8.05 -13.11 -12.77
C ASP C 250 9.28 -12.21 -12.46
N SER C 251 9.19 -11.50 -11.34
CA SER C 251 10.29 -10.64 -10.87
C SER C 251 11.61 -11.41 -10.72
N ILE C 252 11.58 -12.56 -10.05
CA ILE C 252 12.82 -13.33 -9.84
C ILE C 252 13.36 -14.00 -11.13
N CYS C 253 12.48 -14.75 -11.82
CA CYS C 253 12.86 -15.51 -13.00
C CYS C 253 13.62 -14.64 -14.01
N ASN C 254 13.14 -13.41 -14.19
CA ASN C 254 13.60 -12.48 -15.20
C ASN C 254 14.58 -11.43 -14.70
N ASN C 255 15.05 -11.61 -13.47
CA ASN C 255 16.01 -10.69 -12.88
C ASN C 255 17.40 -10.88 -13.49
N LYS C 256 18.06 -9.78 -13.83
CA LYS C 256 19.40 -9.82 -14.44
C LYS C 256 20.43 -10.52 -13.55
N TRP C 257 20.22 -10.49 -12.23
CA TRP C 257 21.08 -11.21 -11.29
C TRP C 257 21.14 -12.71 -11.58
N PHE C 258 20.05 -13.25 -12.17
CA PHE C 258 19.89 -14.69 -12.30
C PHE C 258 19.88 -15.18 -13.74
N THR C 259 20.50 -14.44 -14.64
CA THR C 259 20.57 -14.87 -16.03
C THR C 259 21.28 -16.23 -16.12
N GLU C 260 22.39 -16.41 -15.41
CA GLU C 260 23.14 -17.67 -15.50
C GLU C 260 22.80 -18.64 -14.36
N THR C 261 21.87 -18.24 -13.52
CA THR C 261 21.43 -19.03 -12.38
C THR C 261 20.42 -20.10 -12.83
N SER C 262 20.57 -21.32 -12.33
CA SER C 262 19.54 -22.37 -12.55
C SER C 262 18.28 -22.05 -11.72
N ILE C 263 17.15 -21.84 -12.40
CA ILE C 263 15.90 -21.50 -11.73
C ILE C 263 15.04 -22.78 -11.60
N ILE C 264 14.96 -23.28 -10.38
CA ILE C 264 14.12 -24.42 -10.03
C ILE C 264 12.81 -23.96 -9.38
N LEU C 265 11.69 -24.46 -9.91
CA LEU C 265 10.36 -24.12 -9.41
C LEU C 265 9.78 -25.35 -8.70
N PHE C 266 9.56 -25.23 -7.40
CA PHE C 266 8.84 -26.24 -6.61
C PHE C 266 7.41 -25.78 -6.52
N LEU C 267 6.53 -26.53 -7.17
CA LEU C 267 5.10 -26.36 -7.01
C LEU C 267 4.72 -27.29 -5.86
N ASN C 268 4.71 -26.69 -4.66
CA ASN C 268 4.69 -27.36 -3.38
C ASN C 268 3.27 -27.51 -2.84
N LYS C 269 3.13 -28.22 -1.73
CA LYS C 269 1.85 -28.54 -1.10
C LYS C 269 0.95 -29.31 -2.06
N LYS C 270 1.55 -30.19 -2.87
CA LYS C 270 0.78 -31.01 -3.82
C LYS C 270 -0.23 -31.92 -3.13
N ASP C 271 0.09 -32.34 -1.90
CA ASP C 271 -0.85 -33.12 -1.09
C ASP C 271 -2.09 -32.33 -0.69
N LEU C 272 -1.87 -31.10 -0.24
CA LEU C 272 -2.96 -30.21 0.15
C LEU C 272 -3.79 -29.84 -1.09
N PHE C 273 -3.08 -29.61 -2.20
CA PHE C 273 -3.71 -29.29 -3.47
C PHE C 273 -4.64 -30.40 -3.98
N GLU C 274 -4.17 -31.66 -3.90
CA GLU C 274 -4.96 -32.81 -4.34
C GLU C 274 -6.29 -32.89 -3.61
N GLU C 275 -6.26 -32.59 -2.30
CA GLU C 275 -7.45 -32.62 -1.45
C GLU C 275 -8.41 -31.48 -1.80
N LYS C 276 -7.87 -30.30 -2.02
CA LYS C 276 -8.73 -29.12 -2.03
C LYS C 276 -9.30 -28.84 -3.42
N ILE C 277 -8.62 -29.29 -4.46
CA ILE C 277 -9.09 -29.07 -5.82
C ILE C 277 -10.48 -29.72 -6.07
N LYS C 278 -10.79 -30.77 -5.33
CA LYS C 278 -12.09 -31.43 -5.40
C LYS C 278 -13.26 -30.56 -4.88
N ARG C 279 -12.97 -29.62 -3.99
CA ARG C 279 -13.94 -28.83 -3.25
C ARG C 279 -13.97 -27.35 -3.67
N SER C 280 -12.89 -26.86 -4.26
CA SER C 280 -12.73 -25.42 -4.53
C SER C 280 -12.14 -25.27 -5.92
N PRO C 281 -12.89 -24.67 -6.86
CA PRO C 281 -12.48 -24.69 -8.26
C PRO C 281 -11.34 -23.72 -8.55
N LEU C 282 -10.49 -24.11 -9.48
CA LEU C 282 -9.31 -23.35 -9.86
C LEU C 282 -9.68 -22.02 -10.59
N THR C 283 -10.90 -21.95 -11.10
CA THR C 283 -11.43 -20.73 -11.72
C THR C 283 -11.42 -19.55 -10.75
N ILE C 284 -11.34 -19.82 -9.44
CA ILE C 284 -11.19 -18.79 -8.41
C ILE C 284 -9.93 -17.97 -8.68
N CYS C 285 -8.87 -18.66 -9.07
CA CYS C 285 -7.61 -18.02 -9.42
C CYS C 285 -7.53 -17.66 -10.90
N TYR C 286 -7.99 -18.57 -11.76
CA TYR C 286 -7.86 -18.40 -13.21
C TYR C 286 -9.25 -18.52 -13.80
N PRO C 287 -9.94 -17.38 -13.92
CA PRO C 287 -11.32 -17.45 -14.39
C PRO C 287 -11.52 -18.02 -15.82
N GLU C 288 -10.48 -17.96 -16.65
CA GLU C 288 -10.51 -18.51 -18.00
C GLU C 288 -10.34 -20.03 -18.07
N TYR C 289 -9.95 -20.67 -16.98
CA TYR C 289 -9.64 -22.13 -16.99
C TYR C 289 -10.88 -22.98 -17.31
N THR C 290 -10.76 -23.82 -18.33
CA THR C 290 -11.87 -24.67 -18.78
C THR C 290 -11.68 -26.18 -18.49
N GLY C 291 -10.55 -26.55 -17.87
CA GLY C 291 -10.26 -27.98 -17.54
C GLY C 291 -10.84 -28.45 -16.23
N SER C 292 -10.54 -29.70 -15.85
CA SER C 292 -11.12 -30.26 -14.62
C SER C 292 -10.45 -29.81 -13.36
N ASN C 293 -11.26 -29.76 -12.31
CA ASN C 293 -10.76 -29.57 -10.98
C ASN C 293 -10.32 -30.91 -10.43
N THR C 294 -9.27 -31.44 -11.06
CA THR C 294 -8.65 -32.67 -10.61
C THR C 294 -7.15 -32.44 -10.56
N TYR C 295 -6.47 -33.19 -9.68
CA TYR C 295 -5.07 -32.98 -9.36
C TYR C 295 -4.16 -32.76 -10.57
N GLU C 296 -4.03 -33.75 -11.44
CA GLU C 296 -2.99 -33.68 -12.49
C GLU C 296 -3.27 -32.57 -13.51
N GLU C 297 -4.52 -32.45 -13.96
CA GLU C 297 -4.89 -31.42 -14.97
C GLU C 297 -4.74 -30.00 -14.46
N ALA C 298 -5.25 -29.72 -13.26
CA ALA C 298 -5.17 -28.40 -12.66
C ALA C 298 -3.74 -28.01 -12.28
N ALA C 299 -2.96 -28.99 -11.79
CA ALA C 299 -1.57 -28.77 -11.43
C ALA C 299 -0.72 -28.39 -12.65
N ALA C 300 -0.92 -29.14 -13.74
CA ALA C 300 -0.29 -28.89 -15.04
C ALA C 300 -0.59 -27.47 -15.56
N TYR C 301 -1.85 -27.05 -15.43
CA TYR C 301 -2.26 -25.69 -15.84
C TYR C 301 -1.51 -24.61 -15.07
N ILE C 302 -1.46 -24.76 -13.74
CA ILE C 302 -0.71 -23.83 -12.88
C ILE C 302 0.74 -23.78 -13.34
N GLN C 303 1.34 -24.97 -13.54
CA GLN C 303 2.72 -25.05 -14.03
C GLN C 303 2.91 -24.22 -15.31
N CYS C 304 1.96 -24.34 -16.25
CA CYS C 304 2.02 -23.60 -17.52
CA CYS C 304 2.05 -23.60 -17.51
C CYS C 304 1.96 -22.09 -17.25
N GLN C 305 1.09 -21.69 -16.32
CA GLN C 305 0.92 -20.27 -16.03
C GLN C 305 2.20 -19.67 -15.45
N PHE C 306 2.88 -20.43 -14.58
CA PHE C 306 4.16 -19.98 -14.07
C PHE C 306 5.28 -19.98 -15.09
N GLU C 307 5.42 -21.08 -15.85
CA GLU C 307 6.49 -21.16 -16.85
C GLU C 307 6.32 -20.08 -17.94
N ASP C 308 5.08 -19.68 -18.23
CA ASP C 308 4.82 -18.66 -19.24
C ASP C 308 5.42 -17.28 -18.88
N LEU C 309 5.62 -17.03 -17.58
CA LEU C 309 6.19 -15.75 -17.06
C LEU C 309 7.67 -15.55 -17.40
N ASN C 310 8.37 -16.62 -17.73
CA ASN C 310 9.69 -16.55 -18.32
C ASN C 310 9.73 -15.75 -19.62
N ARG C 311 10.47 -14.63 -19.66
CA ARG C 311 10.58 -13.84 -20.91
C ARG C 311 11.92 -14.05 -21.62
N ARG C 312 12.63 -15.11 -21.25
CA ARG C 312 13.82 -15.52 -22.00
C ARG C 312 13.74 -17.01 -22.33
N LYS C 313 12.58 -17.47 -22.80
CA LYS C 313 12.36 -18.90 -23.09
C LYS C 313 13.39 -19.54 -24.04
N ASP C 314 13.94 -18.74 -24.95
CA ASP C 314 14.98 -19.18 -25.90
C ASP C 314 16.40 -19.18 -25.30
N THR C 315 16.55 -18.52 -24.16
CA THR C 315 17.81 -18.40 -23.42
C THR C 315 17.86 -19.38 -22.24
N LYS C 316 16.75 -19.43 -21.49
CA LYS C 316 16.69 -19.95 -20.14
C LYS C 316 15.51 -20.92 -19.95
N GLU C 317 15.79 -22.02 -19.23
CA GLU C 317 14.81 -23.05 -18.90
C GLU C 317 14.42 -22.97 -17.42
N ILE C 318 13.15 -23.16 -17.10
CA ILE C 318 12.69 -23.36 -15.72
C ILE C 318 12.63 -24.87 -15.45
N TYR C 319 13.12 -25.29 -14.27
CA TYR C 319 13.14 -26.70 -13.90
C TYR C 319 12.11 -27.00 -12.82
N THR C 320 10.97 -27.51 -13.24
CA THR C 320 9.78 -27.51 -12.43
C THR C 320 9.58 -28.89 -11.80
N HIS C 321 9.24 -28.90 -10.51
CA HIS C 321 8.96 -30.14 -9.79
C HIS C 321 7.78 -29.95 -8.88
N PHE C 322 6.94 -30.99 -8.80
CA PHE C 322 5.82 -30.98 -7.88
C PHE C 322 6.30 -31.62 -6.60
N THR C 323 6.07 -30.96 -5.46
CA THR C 323 6.62 -31.43 -4.19
C THR C 323 5.59 -31.44 -3.08
N CYS C 324 5.84 -32.29 -2.10
CA CYS C 324 5.18 -32.21 -0.81
C CYS C 324 6.35 -32.04 0.16
N ALA C 325 6.58 -30.82 0.62
CA ALA C 325 7.80 -30.52 1.36
C ALA C 325 7.90 -31.25 2.71
N THR C 326 6.75 -31.66 3.25
CA THR C 326 6.68 -32.42 4.48
C THR C 326 6.97 -33.93 4.31
N ASP C 327 7.09 -34.39 3.06
CA ASP C 327 7.33 -35.79 2.73
C ASP C 327 8.82 -35.95 2.43
N THR C 328 9.53 -36.56 3.36
CA THR C 328 10.99 -36.71 3.22
C THR C 328 11.37 -37.47 1.95
N LYS C 329 10.71 -38.60 1.69
CA LYS C 329 11.03 -39.40 0.51
C LYS C 329 10.83 -38.60 -0.77
N ASN C 330 9.78 -37.82 -0.86
CA ASN C 330 9.56 -37.00 -2.06
C ASN C 330 10.66 -35.95 -2.22
N VAL C 331 10.93 -35.22 -1.14
CA VAL C 331 11.97 -34.18 -1.18
C VAL C 331 13.34 -34.74 -1.51
N GLN C 332 13.70 -35.88 -0.94
CA GLN C 332 14.94 -36.55 -1.28
C GLN C 332 15.07 -36.80 -2.81
N PHE C 333 14.06 -37.38 -3.42
CA PHE C 333 14.12 -37.75 -4.84
C PHE C 333 14.09 -36.52 -5.77
N VAL C 334 13.31 -35.52 -5.37
CA VAL C 334 13.26 -34.27 -6.12
C VAL C 334 14.60 -33.55 -6.04
N PHE C 335 15.19 -33.52 -4.83
CA PHE C 335 16.44 -32.82 -4.64
C PHE C 335 17.58 -33.51 -5.41
N ASP C 336 17.51 -34.84 -5.51
CA ASP C 336 18.39 -35.59 -6.40
C ASP C 336 18.39 -35.02 -7.82
N ALA C 337 17.19 -34.88 -8.39
CA ALA C 337 17.00 -34.28 -9.71
C ALA C 337 17.54 -32.84 -9.76
N VAL C 338 17.29 -32.05 -8.72
CA VAL C 338 17.81 -30.67 -8.66
C VAL C 338 19.35 -30.62 -8.72
N THR C 339 19.98 -31.45 -7.90
CA THR C 339 21.43 -31.56 -7.88
C THR C 339 22.00 -31.91 -9.28
N ASP C 340 21.38 -32.87 -9.99
CA ASP C 340 21.73 -33.21 -11.38
C ASP C 340 21.78 -31.98 -12.31
N VAL C 341 20.74 -31.15 -12.22
CA VAL C 341 20.61 -29.97 -13.07
C VAL C 341 21.73 -28.97 -12.79
N ILE C 342 21.99 -28.73 -11.51
CA ILE C 342 23.10 -27.85 -11.10
C ILE C 342 24.42 -28.38 -11.64
N ILE C 343 24.65 -29.69 -11.49
CA ILE C 343 25.90 -30.30 -11.96
C ILE C 343 26.02 -30.20 -13.48
N LYS C 344 24.93 -30.50 -14.18
CA LYS C 344 24.85 -30.37 -15.63
C LYS C 344 25.07 -28.92 -16.09
N ASN C 345 24.50 -27.95 -15.36
CA ASN C 345 24.67 -26.52 -15.70
C ASN C 345 25.95 -25.89 -15.11
N ASN C 346 26.93 -26.73 -14.74
CA ASN C 346 28.24 -26.28 -14.23
C ASN C 346 29.34 -27.08 -14.88
N SER D 17 15.69 -17.78 28.82
CA SER D 17 14.57 -16.81 28.75
C SER D 17 14.96 -15.53 28.00
N PHE D 18 14.12 -15.30 27.03
CA PHE D 18 14.29 -14.25 26.08
C PHE D 18 14.02 -12.94 26.76
N ASP D 19 13.06 -12.91 27.69
CA ASP D 19 12.71 -11.67 28.37
C ASP D 19 13.80 -11.25 29.35
N VAL D 20 14.45 -12.22 29.97
CA VAL D 20 15.62 -11.93 30.80
C VAL D 20 16.73 -11.31 29.91
N LEU D 21 17.01 -11.91 28.76
CA LEU D 21 17.96 -11.34 27.80
C LEU D 21 17.66 -9.86 27.50
N LEU D 22 16.40 -9.55 27.15
CA LEU D 22 16.01 -8.22 26.75
C LEU D 22 16.03 -7.23 27.93
N SER D 23 16.06 -7.76 29.14
CA SER D 23 16.11 -6.99 30.37
C SER D 23 17.49 -6.39 30.68
N HIS D 24 18.55 -6.90 30.03
CA HIS D 24 19.89 -6.38 30.25
C HIS D 24 20.40 -5.60 29.02
N LYS D 25 21.04 -4.45 29.23
CA LYS D 25 21.58 -3.66 28.10
C LYS D 25 22.59 -4.49 27.28
N TYR D 26 23.32 -5.36 27.94
CA TYR D 26 24.30 -6.19 27.22
C TYR D 26 23.66 -7.38 26.52
N GLY D 27 22.51 -7.83 27.01
CA GLY D 27 21.71 -8.87 26.32
C GLY D 27 21.15 -8.31 25.04
N VAL D 28 20.59 -7.11 25.16
CA VAL D 28 20.07 -6.38 24.02
C VAL D 28 21.15 -6.15 22.93
N ALA D 29 22.33 -5.68 23.34
CA ALA D 29 23.44 -5.41 22.43
C ALA D 29 23.87 -6.68 21.68
N ALA D 30 23.99 -7.80 22.42
CA ALA D 30 24.39 -9.08 21.84
C ALA D 30 23.33 -9.59 20.85
N PHE D 31 22.06 -9.51 21.22
CA PHE D 31 21.00 -9.95 20.34
C PHE D 31 20.96 -9.06 19.10
N ARG D 32 21.17 -7.76 19.26
CA ARG D 32 21.16 -6.83 18.13
C ARG D 32 22.21 -7.17 17.09
N ALA D 33 23.41 -7.41 17.56
CA ALA D 33 24.53 -7.81 16.69
C ALA D 33 24.17 -9.05 15.89
N PHE D 34 23.48 -9.99 16.55
CA PHE D 34 23.10 -11.25 15.91
C PHE D 34 22.06 -11.00 14.84
N LEU D 35 21.02 -10.22 15.18
CA LEU D 35 19.95 -9.89 14.25
C LEU D 35 20.48 -9.16 13.02
N LYS D 36 21.46 -8.28 13.21
CA LYS D 36 22.09 -7.62 12.06
C LYS D 36 22.71 -8.63 11.06
N THR D 37 23.26 -9.73 11.57
CA THR D 37 23.82 -10.76 10.67
C THR D 37 22.73 -11.49 9.88
N GLU D 38 21.49 -11.46 10.41
CA GLU D 38 20.35 -12.09 9.77
C GLU D 38 19.43 -11.09 9.08
N PHE D 39 19.84 -9.83 9.04
CA PHE D 39 19.03 -8.74 8.49
C PHE D 39 17.62 -8.72 9.04
N SER D 40 17.48 -8.87 10.35
CA SER D 40 16.17 -8.76 11.02
C SER D 40 16.18 -7.84 12.24
N GLU D 41 17.16 -6.93 12.30
CA GLU D 41 17.32 -6.05 13.46
C GLU D 41 16.17 -5.03 13.60
N GLU D 42 15.38 -4.80 12.54
CA GLU D 42 14.22 -3.93 12.66
C GLU D 42 13.24 -4.41 13.71
N ASN D 43 13.16 -5.72 13.93
CA ASN D 43 12.27 -6.25 14.92
C ASN D 43 12.62 -5.78 16.32
N LEU D 44 13.91 -5.83 16.64
CA LEU D 44 14.36 -5.34 17.92
C LEU D 44 14.24 -3.81 18.05
N GLU D 45 14.59 -3.08 16.99
CA GLU D 45 14.54 -1.62 17.00
CA GLU D 45 14.55 -1.63 17.08
C GLU D 45 13.10 -1.19 17.31
N PHE D 46 12.15 -1.83 16.63
CA PHE D 46 10.72 -1.59 16.87
C PHE D 46 10.32 -1.92 18.29
N TRP D 47 10.69 -3.11 18.75
CA TRP D 47 10.36 -3.54 20.12
C TRP D 47 10.91 -2.56 21.20
N LEU D 48 12.17 -2.14 21.04
CA LEU D 48 12.77 -1.13 21.91
C LEU D 48 12.12 0.25 21.82
N ALA D 49 11.76 0.68 20.61
CA ALA D 49 11.03 1.92 20.44
C ALA D 49 9.69 1.87 21.19
N CYS D 50 9.01 0.72 21.14
CA CYS D 50 7.74 0.56 21.89
C CYS D 50 7.91 0.63 23.39
N GLU D 51 8.98 0.03 23.91
CA GLU D 51 9.29 0.14 25.32
C GLU D 51 9.54 1.55 25.74
N GLU D 52 10.29 2.31 24.94
CA GLU D 52 10.55 3.72 25.25
C GLU D 52 9.24 4.56 25.14
N PHE D 53 8.44 4.33 24.11
CA PHE D 53 7.14 5.00 23.93
C PHE D 53 6.25 4.91 25.18
N LYS D 54 6.19 3.71 25.74
CA LYS D 54 5.40 3.45 26.94
C LYS D 54 5.84 4.24 28.18
N LYS D 55 7.05 4.82 28.13
CA LYS D 55 7.55 5.68 29.19
C LYS D 55 7.18 7.15 29.06
N THR D 56 6.54 7.52 27.96
CA THR D 56 6.26 8.92 27.65
C THR D 56 5.17 9.44 28.58
N ARG D 57 5.33 10.67 29.05
CA ARG D 57 4.33 11.25 29.95
C ARG D 57 3.68 12.53 29.43
N SER D 58 4.09 12.97 28.23
CA SER D 58 3.56 14.16 27.58
C SER D 58 2.70 13.75 26.41
N THR D 59 1.45 14.24 26.36
CA THR D 59 0.56 13.91 25.24
C THR D 59 1.16 14.34 23.91
N ALA D 60 1.70 15.56 23.81
CA ALA D 60 2.28 16.03 22.55
C ALA D 60 3.43 15.10 22.09
N LYS D 61 4.30 14.69 23.02
CA LYS D 61 5.40 13.79 22.71
C LYS D 61 4.89 12.40 22.40
N LEU D 62 3.88 11.96 23.13
CA LEU D 62 3.24 10.66 22.85
C LEU D 62 2.68 10.59 21.42
N VAL D 63 1.91 11.60 21.03
CA VAL D 63 1.36 11.66 19.67
C VAL D 63 2.50 11.68 18.60
N SER D 64 3.51 12.50 18.85
CA SER D 64 4.65 12.64 17.95
C SER D 64 5.37 11.30 17.76
N LYS D 65 5.77 10.73 18.89
CA LYS D 65 6.42 9.42 18.92
C LYS D 65 5.62 8.32 18.23
N ALA D 66 4.31 8.26 18.50
CA ALA D 66 3.47 7.23 17.92
C ALA D 66 3.48 7.36 16.38
N HIS D 67 3.39 8.57 15.89
CA HIS D 67 3.47 8.81 14.46
C HIS D 67 4.81 8.46 13.85
N ARG D 68 5.86 8.75 14.55
CA ARG D 68 7.22 8.44 14.09
C ARG D 68 7.44 6.94 14.01
N ILE D 69 6.99 6.24 15.06
CA ILE D 69 7.10 4.78 15.12
C ILE D 69 6.28 4.14 14.00
N PHE D 70 5.10 4.66 13.73
CA PHE D 70 4.24 4.08 12.70
C PHE D 70 4.85 4.28 11.33
N GLU D 71 5.23 5.51 11.05
CA GLU D 71 5.91 5.86 9.80
C GLU D 71 7.20 5.00 9.60
N GLU D 72 7.97 4.76 10.66
CA GLU D 72 9.29 4.10 10.52
C GLU D 72 9.24 2.58 10.42
N PHE D 73 8.28 1.98 11.12
CA PHE D 73 8.21 0.52 11.31
C PHE D 73 6.93 -0.18 10.87
N VAL D 74 5.79 0.50 10.87
CA VAL D 74 4.50 -0.19 10.78
C VAL D 74 3.80 -0.01 9.42
N ASP D 75 3.85 1.20 8.87
CA ASP D 75 3.20 1.52 7.59
C ASP D 75 3.83 0.61 6.51
N VAL D 76 3.03 0.23 5.52
CA VAL D 76 3.51 -0.66 4.43
C VAL D 76 4.69 -0.07 3.67
N GLN D 77 4.74 1.24 3.58
CA GLN D 77 5.88 1.85 2.97
C GLN D 77 7.03 2.16 3.93
N ALA D 78 6.95 1.67 5.16
CA ALA D 78 7.94 2.04 6.17
C ALA D 78 9.34 1.51 5.80
N PRO D 79 10.37 2.35 5.93
CA PRO D 79 11.75 1.95 5.60
C PRO D 79 12.24 0.78 6.44
N ARG D 80 11.78 0.68 7.68
CA ARG D 80 12.11 -0.48 8.51
C ARG D 80 10.86 -1.29 8.91
N GLU D 81 10.02 -1.55 7.90
CA GLU D 81 8.73 -2.18 8.11
C GLU D 81 8.88 -3.57 8.75
N VAL D 82 8.17 -3.78 9.85
CA VAL D 82 8.17 -5.05 10.56
C VAL D 82 7.17 -6.02 9.91
N ASN D 83 7.52 -7.31 10.02
CA ASN D 83 6.74 -8.42 9.46
C ASN D 83 5.56 -8.72 10.39
N ILE D 84 4.45 -8.05 10.13
CA ILE D 84 3.21 -8.32 10.85
C ILE D 84 2.10 -8.41 9.83
N ASP D 85 1.01 -9.09 10.18
CA ASP D 85 -0.06 -9.25 9.25
C ASP D 85 -0.92 -8.00 9.10
N PHE D 86 -1.81 -8.04 8.15
CA PHE D 86 -2.72 -6.92 7.91
C PHE D 86 -3.58 -6.64 9.14
N GLN D 87 -4.13 -7.68 9.74
CA GLN D 87 -4.99 -7.49 10.91
C GLN D 87 -4.28 -6.71 12.03
N THR D 88 -3.01 -7.03 12.28
CA THR D 88 -2.24 -6.34 13.26
C THR D 88 -1.87 -4.92 12.87
N ARG D 89 -1.49 -4.73 11.63
CA ARG D 89 -1.18 -3.40 11.13
C ARG D 89 -2.39 -2.48 11.20
N GLU D 90 -3.53 -3.00 10.73
CA GLU D 90 -4.80 -2.26 10.73
C GLU D 90 -5.30 -1.89 12.15
N ALA D 91 -5.24 -2.82 13.15
CA ALA D 91 -5.53 -2.46 14.55
C ALA D 91 -4.63 -1.30 15.02
N THR D 92 -3.35 -1.36 14.65
CA THR D 92 -2.39 -0.35 15.06
C THR D 92 -2.78 1.00 14.42
N ARG D 93 -3.16 0.94 13.15
CA ARG D 93 -3.52 2.13 12.42
C ARG D 93 -4.73 2.85 13.06
N LYS D 94 -5.72 2.07 13.47
CA LYS D 94 -6.87 2.59 14.13
C LYS D 94 -6.52 3.17 15.51
N ASN D 95 -5.58 2.53 16.21
CA ASN D 95 -5.07 3.04 17.49
C ASN D 95 -4.43 4.41 17.37
N LEU D 96 -3.88 4.71 16.20
CA LEU D 96 -3.12 5.94 16.00
C LEU D 96 -4.05 7.15 15.91
N GLN D 97 -5.35 6.88 15.75
CA GLN D 97 -6.35 7.93 15.65
C GLN D 97 -6.48 8.70 16.97
N GLU D 98 -6.40 7.99 18.11
CA GLU D 98 -6.33 8.63 19.44
C GLU D 98 -5.26 7.89 20.21
N PRO D 99 -3.99 8.26 19.97
CA PRO D 99 -2.89 7.47 20.53
C PRO D 99 -2.93 7.45 22.05
N SER D 100 -2.73 6.26 22.62
CA SER D 100 -2.59 6.06 24.04
C SER D 100 -1.31 5.24 24.24
N LEU D 101 -0.94 5.02 25.50
CA LEU D 101 0.27 4.23 25.81
C LEU D 101 0.20 2.76 25.33
N THR D 102 -1.00 2.28 24.99
CA THR D 102 -1.17 0.89 24.51
C THR D 102 -1.27 0.78 23.01
N CYS D 103 -1.03 1.89 22.30
CA CYS D 103 -1.12 1.92 20.84
C CYS D 103 -0.52 0.71 20.10
N PHE D 104 0.70 0.35 20.48
CA PHE D 104 1.48 -0.65 19.78
C PHE D 104 1.53 -2.02 20.45
N ASP D 105 0.71 -2.23 21.48
CA ASP D 105 0.74 -3.48 22.25
C ASP D 105 0.56 -4.74 21.36
N GLN D 106 -0.44 -4.69 20.50
CA GLN D 106 -0.70 -5.80 19.59
C GLN D 106 0.48 -6.09 18.63
N ALA D 107 0.97 -5.06 17.96
CA ALA D 107 2.10 -5.17 17.06
C ALA D 107 3.38 -5.55 17.81
N GLN D 108 3.61 -4.93 18.95
CA GLN D 108 4.79 -5.28 19.76
C GLN D 108 4.81 -6.77 20.20
N GLY D 109 3.66 -7.25 20.67
CA GLY D 109 3.46 -8.65 21.03
C GLY D 109 3.77 -9.60 19.87
N LYS D 110 3.29 -9.27 18.67
CA LYS D 110 3.57 -10.07 17.48
C LYS D 110 5.08 -10.10 17.16
N VAL D 111 5.72 -8.96 17.24
CA VAL D 111 7.13 -8.85 16.86
C VAL D 111 8.00 -9.52 17.96
N HIS D 112 7.62 -9.35 19.21
CA HIS D 112 8.22 -10.12 20.33
C HIS D 112 8.19 -11.63 20.08
N SER D 113 7.00 -12.14 19.73
CA SER D 113 6.79 -13.54 19.36
C SER D 113 7.65 -14.02 18.18
N LEU D 114 7.76 -13.19 17.15
CA LEU D 114 8.58 -13.45 15.97
C LEU D 114 10.05 -13.62 16.35
N MET D 115 10.57 -12.66 17.10
CA MET D 115 11.94 -12.73 17.62
C MET D 115 12.17 -13.94 18.54
N GLU D 116 11.23 -14.21 19.45
CA GLU D 116 11.36 -15.30 20.40
C GLU D 116 11.37 -16.68 19.75
N LYS D 117 10.48 -16.89 18.80
CA LYS D 117 10.32 -18.20 18.22
C LYS D 117 11.22 -18.48 17.01
N ASP D 118 11.60 -17.44 16.26
CA ASP D 118 12.42 -17.64 15.07
C ASP D 118 13.90 -17.34 15.31
N SER D 119 14.21 -16.08 15.55
CA SER D 119 15.60 -15.60 15.64
C SER D 119 16.32 -16.12 16.92
N TYR D 120 15.59 -16.13 18.04
CA TYR D 120 16.19 -16.41 19.34
C TYR D 120 16.80 -17.82 19.47
N PRO D 121 16.06 -18.89 19.06
CA PRO D 121 16.69 -20.20 19.10
C PRO D 121 18.01 -20.32 18.31
N ARG D 122 18.09 -19.65 17.16
CA ARG D 122 19.34 -19.57 16.39
C ARG D 122 20.42 -18.73 17.06
N PHE D 123 20.03 -17.60 17.67
CA PHE D 123 20.94 -16.81 18.50
C PHE D 123 21.64 -17.67 19.53
N LEU D 124 20.88 -18.49 20.23
CA LEU D 124 21.38 -19.37 21.30
C LEU D 124 22.37 -20.43 20.81
N ARG D 125 22.27 -20.81 19.53
CA ARG D 125 23.17 -21.79 18.96
C ARG D 125 24.29 -21.10 18.17
N SER D 126 24.30 -19.76 18.16
CA SER D 126 25.18 -19.01 17.25
C SER D 126 26.64 -19.01 17.65
N LYS D 127 27.50 -19.10 16.63
CA LYS D 127 28.93 -18.93 16.81
C LYS D 127 29.20 -17.63 17.61
N MET D 128 28.44 -16.58 17.34
CA MET D 128 28.67 -15.29 18.05
C MET D 128 28.30 -15.32 19.55
N TYR D 129 27.15 -15.89 19.87
CA TYR D 129 26.67 -16.04 21.27
C TYR D 129 27.60 -16.99 22.02
N LEU D 130 28.16 -17.97 21.30
CA LEU D 130 29.11 -18.91 21.89
C LEU D 130 30.47 -18.26 22.17
N ASP D 131 30.95 -17.38 21.28
CA ASP D 131 32.22 -16.69 21.49
C ASP D 131 32.20 -15.72 22.69
N LEU D 132 31.01 -15.36 23.18
CA LEU D 132 30.78 -15.11 24.62
C LEU D 132 32.06 -14.86 25.46
AL ALF E . -2.45 17.21 -7.92
F1 ALF E . -0.78 16.63 -7.59
F2 ALF E . -4.11 17.67 -8.36
F3 ALF E . -2.10 17.78 -9.54
F4 ALF E . -2.97 16.69 -6.32
MG MG F . -2.29 19.45 -10.57
PB GDP G . -1.26 20.27 -7.63
O1B GDP G . -1.48 20.55 -9.09
O2B GDP G . -1.94 18.97 -7.21
O3B GDP G . 0.17 20.18 -7.13
O3A GDP G . -1.93 21.43 -6.70
PA GDP G . -2.88 22.61 -7.23
O1A GDP G . -4.17 22.07 -7.85
O2A GDP G . -2.13 23.53 -8.16
O5' GDP G . -3.22 23.35 -5.86
C5' GDP G . -4.05 22.83 -4.82
C4' GDP G . -4.93 23.93 -4.29
O4' GDP G . -4.09 24.87 -3.58
C3' GDP G . -5.68 24.75 -5.32
O3' GDP G . -7.01 25.04 -4.90
C2' GDP G . -4.91 26.05 -5.46
O2' GDP G . -5.73 27.17 -5.76
C1' GDP G . -4.28 26.21 -4.11
N9 GDP G . -2.94 26.83 -4.06
C8 GDP G . -1.82 26.43 -4.73
N7 GDP G . -0.79 27.24 -4.38
C5 GDP G . -1.26 28.11 -3.48
C6 GDP G . -0.68 29.22 -2.71
O6 GDP G . 0.56 29.44 -2.81
N1 GDP G . -1.51 29.90 -1.89
C2 GDP G . -2.82 29.62 -1.74
N2 GDP G . -3.56 30.37 -0.91
N3 GDP G . -3.45 28.60 -2.42
C4 GDP G . -2.68 27.85 -3.27
AL ALF H . 7.90 -17.53 5.76
F1 ALF H . 9.60 -18.01 5.91
F2 ALF H . 6.19 -17.07 5.82
F3 ALF H . 8.17 -16.93 4.10
F4 ALF H . 7.76 -18.11 7.43
MG MG I . 10.39 -19.74 6.42
PB GDP J . 7.99 -20.53 4.51
O1B GDP J . 9.25 -20.85 5.21
O2B GDP J . 7.38 -19.29 5.09
O3B GDP J . 8.05 -20.53 3.03
O3A GDP J . 6.98 -21.78 4.84
PA GDP J . 7.15 -22.95 5.92
O1A GDP J . 7.30 -22.46 7.29
O2A GDP J . 8.24 -23.90 5.45
O5' GDP J . 5.76 -23.77 5.68
C5' GDP J . 4.52 -23.22 6.15
C4' GDP J . 3.67 -24.32 6.77
O4' GDP J . 3.26 -25.21 5.75
C3' GDP J . 4.38 -25.17 7.82
O3' GDP J . 3.53 -25.51 8.91
C2' GDP J . 4.75 -26.43 7.08
O2' GDP J . 4.80 -27.62 7.90
C1' GDP J . 3.65 -26.54 6.05
N9 GDP J . 4.03 -27.12 4.76
C8 GDP J . 5.04 -26.70 3.96
N7 GDP J . 5.05 -27.44 2.81
C5 GDP J . 4.06 -28.32 2.92
C6 GDP J . 3.48 -29.37 2.09
O6 GDP J . 3.98 -29.62 1.01
N1 GDP J . 2.44 -30.06 2.55
C2 GDP J . 1.88 -29.83 3.72
N2 GDP J . 0.82 -30.59 4.06
N3 GDP J . 2.29 -28.87 4.56
C4 GDP J . 3.37 -28.10 4.19
#